data_2YFK
#
_entry.id   2YFK
#
_cell.length_a   117.368
_cell.length_b   117.368
_cell.length_c   120.232
_cell.angle_alpha   90.00
_cell.angle_beta   90.00
_cell.angle_gamma   120.00
#
_symmetry.space_group_name_H-M   'P 63'
#
loop_
_entity.id
_entity.type
_entity.pdbx_description
1 polymer 'ASPARTATE/ORNITHINE CARBAMOYLTRANSFERASE'
2 water water
#
_entity_poly.entity_id   1
_entity_poly.type   'polypeptide(L)'
_entity_poly.pdbx_seq_one_letter_code
;METFKEYIEKLDKLEFEKMYENDFFLTWEKTRDELEAVFTVADTLRYLRENNISTKIFDSGLGISLFRDNSTRTRFSFAS
ACNLLGLEVQDLDEGKSQISHGETVRETANMISFMADIIGIRDDMYIGKGNAYMHEVSESVQEGYKDGVLEQRPTLVNLQ
CDIDHPTQAMADALHLIHEFGGIENLKGKKVAMTWAYSPSYGKPLSVPQGIVGLMTRLGMDVVLAHPEGYEIMPEVEEVA
KKNAAEFGGNFTKTNSMAEAFKDADVVYPKSWAPFAAMEKRTELYGNGDQAGIDQLEQELLSQNKKHKDWECTEELMKTT
KDGKALYMHCLPADITGVSCEEGEVEASVFDRYRVELYKEASYKPYVIAAMIFLSKVKNPQKTLTDLADKATPREVKDPN
SSSVDKLAAALEHHHHHH
;
_entity_poly.pdbx_strand_id   A,B
#
# COMPACT_ATOMS: atom_id res chain seq x y z
N GLU A 2 16.21 -1.14 -28.35
CA GLU A 2 16.22 0.25 -27.81
C GLU A 2 17.63 0.71 -27.49
N THR A 3 17.91 2.00 -27.70
CA THR A 3 19.22 2.57 -27.37
C THR A 3 19.36 2.81 -25.86
N PHE A 4 20.58 3.12 -25.43
CA PHE A 4 20.88 3.32 -24.02
C PHE A 4 20.23 4.57 -23.43
N LYS A 5 20.23 5.65 -24.22
CA LYS A 5 19.60 6.90 -23.84
C LYS A 5 18.12 6.68 -23.49
N GLU A 6 17.44 5.82 -24.26
CA GLU A 6 16.02 5.54 -24.06
C GLU A 6 15.75 4.83 -22.73
N TYR A 7 16.63 3.89 -22.35
CA TYR A 7 16.47 3.15 -21.08
C TYR A 7 16.56 4.08 -19.88
N ILE A 8 17.54 4.97 -19.88
CA ILE A 8 17.74 5.92 -18.80
C ILE A 8 16.53 6.86 -18.68
N GLU A 9 16.04 7.33 -19.83
CA GLU A 9 14.89 8.24 -19.86
C GLU A 9 13.61 7.60 -19.34
N LYS A 10 13.52 6.27 -19.48
CA LYS A 10 12.36 5.53 -19.02
C LYS A 10 12.41 5.43 -17.50
N LEU A 11 13.57 5.09 -16.96
CA LEU A 11 13.80 5.09 -15.51
C LEU A 11 13.48 6.44 -14.87
N ASP A 12 13.77 7.54 -15.59
CA ASP A 12 13.55 8.89 -15.07
C ASP A 12 12.08 9.22 -14.84
N LYS A 13 11.19 8.58 -15.60
CA LYS A 13 9.74 8.78 -15.41
C LYS A 13 9.10 7.62 -14.64
N LEU A 14 9.91 6.98 -13.78
CA LEU A 14 9.45 6.04 -12.77
C LEU A 14 9.97 6.46 -11.40
N GLU A 15 9.28 6.03 -10.35
CA GLU A 15 9.69 6.32 -8.96
C GLU A 15 10.01 4.99 -8.26
N PHE A 16 11.24 4.83 -7.79
CA PHE A 16 11.65 3.57 -7.14
C PHE A 16 12.68 3.74 -5.99
N GLU A 17 12.62 4.85 -5.28
CA GLU A 17 13.56 5.14 -4.17
C GLU A 17 13.50 4.12 -3.03
N LYS A 18 12.36 3.45 -2.88
CA LYS A 18 12.15 2.52 -1.77
C LYS A 18 12.78 1.13 -2.01
N MET A 19 13.22 0.86 -3.23
CA MET A 19 13.88 -0.41 -3.54
C MET A 19 15.32 -0.46 -3.00
N TYR A 20 15.95 0.70 -2.85
CA TYR A 20 17.30 0.78 -2.32
C TYR A 20 17.35 0.24 -0.90
N GLU A 21 18.32 -0.64 -0.63
CA GLU A 21 18.51 -1.27 0.68
C GLU A 21 17.23 -1.93 1.19
N ASN A 22 16.49 -2.56 0.28
CA ASN A 22 15.27 -3.27 0.65
C ASN A 22 15.31 -4.69 0.09
N ASP A 23 14.41 -5.54 0.57
CA ASP A 23 14.33 -6.94 0.14
C ASP A 23 13.29 -7.10 -0.97
N PHE A 24 13.31 -8.26 -1.62
CA PHE A 24 12.31 -8.59 -2.63
C PHE A 24 11.71 -9.95 -2.31
N PHE A 25 10.46 -9.96 -1.86
CA PHE A 25 9.80 -11.19 -1.42
C PHE A 25 8.69 -11.61 -2.35
N LEU A 26 7.68 -10.74 -2.48
CA LEU A 26 6.51 -11.00 -3.29
C LEU A 26 6.33 -9.86 -4.28
N THR A 27 5.94 -10.17 -5.53
CA THR A 27 5.77 -9.13 -6.54
C THR A 27 4.76 -8.08 -6.10
N TRP A 28 3.70 -8.53 -5.42
CA TRP A 28 2.59 -7.64 -5.07
C TRP A 28 2.85 -6.76 -3.84
N GLU A 29 4.01 -6.94 -3.20
CA GLU A 29 4.50 -6.02 -2.16
C GLU A 29 5.24 -4.81 -2.74
N LYS A 30 5.42 -4.79 -4.06
CA LYS A 30 6.11 -3.69 -4.76
C LYS A 30 5.10 -2.89 -5.60
N THR A 31 5.39 -1.63 -5.88
CA THR A 31 4.52 -0.80 -6.72
C THR A 31 4.72 -1.10 -8.20
N ARG A 32 3.83 -0.62 -9.05
CA ARG A 32 3.91 -0.84 -10.51
C ARG A 32 5.18 -0.20 -11.09
N ASP A 33 5.51 1.01 -10.62
CA ASP A 33 6.74 1.69 -10.99
C ASP A 33 7.99 0.88 -10.59
N GLU A 34 7.95 0.28 -9.40
CA GLU A 34 9.08 -0.53 -8.91
C GLU A 34 9.29 -1.77 -9.78
N LEU A 35 8.19 -2.41 -10.15
CA LEU A 35 8.24 -3.57 -11.06
C LEU A 35 8.80 -3.15 -12.43
N GLU A 36 8.37 -1.99 -12.93
CA GLU A 36 8.84 -1.49 -14.22
C GLU A 36 10.31 -1.09 -14.19
N ALA A 37 10.81 -0.75 -13.00
CA ALA A 37 12.23 -0.45 -12.81
C ALA A 37 13.08 -1.72 -12.88
N VAL A 38 12.51 -2.87 -12.50
CA VAL A 38 13.21 -4.14 -12.64
C VAL A 38 13.32 -4.54 -14.10
N PHE A 39 12.21 -4.44 -14.84
CA PHE A 39 12.24 -4.72 -16.28
C PHE A 39 13.30 -3.88 -17.00
N THR A 40 13.27 -2.57 -16.78
CA THR A 40 14.18 -1.65 -17.48
C THR A 40 15.64 -1.88 -17.13
N VAL A 41 15.94 -2.06 -15.84
CA VAL A 41 17.32 -2.37 -15.43
C VAL A 41 17.76 -3.74 -15.97
N ALA A 42 16.81 -4.68 -16.07
CA ALA A 42 17.08 -5.97 -16.67
C ALA A 42 17.59 -5.78 -18.10
N ASP A 43 16.77 -5.09 -18.90
CA ASP A 43 17.11 -4.89 -20.31
C ASP A 43 18.37 -4.06 -20.50
N THR A 44 18.62 -3.12 -19.59
CA THR A 44 19.81 -2.28 -19.68
C THR A 44 21.08 -3.11 -19.51
N LEU A 45 21.11 -3.97 -18.48
CA LEU A 45 22.25 -4.87 -18.25
C LEU A 45 22.47 -5.81 -19.44
N ARG A 46 21.38 -6.30 -20.02
CA ARG A 46 21.47 -7.10 -21.24
C ARG A 46 22.09 -6.28 -22.38
N TYR A 47 21.58 -5.05 -22.58
CA TYR A 47 22.13 -4.18 -23.61
C TYR A 47 23.63 -4.00 -23.45
N LEU A 48 24.07 -3.72 -22.23
CA LEU A 48 25.49 -3.50 -21.98
C LEU A 48 26.32 -4.76 -22.25
N ARG A 49 25.90 -5.90 -21.72
CA ARG A 49 26.62 -7.16 -21.98
C ARG A 49 26.60 -7.54 -23.46
N GLU A 50 25.46 -7.35 -24.13
CA GLU A 50 25.41 -7.58 -25.59
C GLU A 50 26.45 -6.75 -26.34
N ASN A 51 26.76 -5.56 -25.84
CA ASN A 51 27.79 -4.70 -26.41
C ASN A 51 29.16 -4.81 -25.74
N ASN A 52 29.42 -5.96 -25.13
CA ASN A 52 30.70 -6.25 -24.50
C ASN A 52 31.10 -5.27 -23.39
N ILE A 53 30.14 -4.74 -22.64
CA ILE A 53 30.44 -3.79 -21.56
C ILE A 53 30.19 -4.39 -20.17
N SER A 54 31.29 -4.61 -19.44
CA SER A 54 31.23 -5.14 -18.07
C SER A 54 30.36 -4.27 -17.17
N THR A 55 29.56 -4.90 -16.32
CA THR A 55 28.71 -4.19 -15.39
C THR A 55 29.04 -4.57 -13.95
N LYS A 56 30.32 -4.84 -13.69
CA LYS A 56 30.78 -5.18 -12.35
C LYS A 56 30.67 -3.94 -11.48
N ILE A 57 29.98 -4.08 -10.35
CA ILE A 57 29.81 -2.98 -9.40
C ILE A 57 30.42 -3.25 -8.02
N PHE A 58 30.79 -4.51 -7.75
CA PHE A 58 31.50 -4.88 -6.53
C PHE A 58 32.90 -5.36 -6.86
N ASP A 59 33.90 -4.77 -6.20
CA ASP A 59 35.29 -5.23 -6.31
C ASP A 59 35.59 -6.48 -5.43
N SER A 60 34.88 -6.60 -4.30
CA SER A 60 34.88 -7.83 -3.50
C SER A 60 33.59 -7.90 -2.68
N GLY A 61 33.31 -9.06 -2.08
CA GLY A 61 32.06 -9.28 -1.36
C GLY A 61 31.35 -10.54 -1.81
N LEU A 62 30.53 -11.09 -0.92
CA LEU A 62 29.84 -12.35 -1.17
C LEU A 62 28.35 -12.18 -1.44
N GLY A 63 27.80 -13.15 -2.17
CA GLY A 63 26.37 -13.36 -2.27
C GLY A 63 26.06 -14.73 -1.72
N ILE A 64 25.36 -14.79 -0.59
CA ILE A 64 25.07 -16.06 0.06
C ILE A 64 23.89 -16.75 -0.61
N SER A 65 24.13 -17.93 -1.16
CA SER A 65 23.05 -18.77 -1.69
C SER A 65 22.62 -19.72 -0.59
N LEU A 66 21.30 -19.81 -0.40
CA LEU A 66 20.73 -20.48 0.76
C LEU A 66 19.53 -21.33 0.34
N PHE A 67 19.80 -22.56 -0.07
CA PHE A 67 18.77 -23.53 -0.43
C PHE A 67 18.36 -24.31 0.81
N ARG A 68 17.10 -24.74 0.84
CA ARG A 68 16.55 -25.53 1.95
C ARG A 68 15.64 -26.65 1.46
N THR A 72 18.63 -27.01 -9.75
CA THR A 72 19.96 -26.54 -10.13
C THR A 72 19.92 -25.50 -11.28
N ARG A 73 18.71 -25.12 -11.69
CA ARG A 73 18.51 -24.08 -12.71
C ARG A 73 18.60 -22.68 -12.11
N THR A 74 17.91 -22.46 -10.99
CA THR A 74 18.04 -21.22 -10.23
C THR A 74 19.40 -21.13 -9.52
N ARG A 75 20.02 -22.29 -9.28
CA ARG A 75 21.38 -22.35 -8.73
C ARG A 75 22.36 -21.61 -9.65
N PHE A 76 22.33 -21.96 -10.94
CA PHE A 76 23.17 -21.33 -11.96
C PHE A 76 22.69 -19.93 -12.31
N SER A 77 21.40 -19.70 -12.18
CA SER A 77 20.81 -18.38 -12.43
C SER A 77 21.28 -17.34 -11.41
N PHE A 78 21.35 -17.75 -10.14
CA PHE A 78 21.81 -16.86 -9.09
C PHE A 78 23.32 -16.63 -9.19
N ALA A 79 24.06 -17.71 -9.38
CA ALA A 79 25.51 -17.63 -9.58
C ALA A 79 25.88 -16.71 -10.74
N SER A 80 25.14 -16.81 -11.85
CA SER A 80 25.34 -15.92 -13.01
C SER A 80 25.16 -14.45 -12.66
N ALA A 81 24.04 -14.14 -11.99
CA ALA A 81 23.72 -12.76 -11.64
C ALA A 81 24.78 -12.15 -10.73
N CYS A 82 25.16 -12.89 -9.69
CA CYS A 82 26.20 -12.44 -8.78
C CYS A 82 27.50 -12.12 -9.52
N ASN A 83 27.96 -13.07 -10.33
CA ASN A 83 29.22 -12.93 -11.06
C ASN A 83 29.20 -11.74 -12.04
N LEU A 84 28.05 -11.49 -12.65
CA LEU A 84 27.88 -10.35 -13.56
C LEU A 84 28.15 -9.03 -12.87
N LEU A 85 27.73 -8.92 -11.62
CA LEU A 85 27.88 -7.70 -10.83
C LEU A 85 29.18 -7.68 -10.03
N GLY A 86 29.88 -8.80 -10.02
CA GLY A 86 31.19 -8.89 -9.38
C GLY A 86 31.19 -9.57 -8.03
N LEU A 87 30.03 -10.07 -7.61
CA LEU A 87 29.92 -10.79 -6.35
C LEU A 87 30.31 -12.24 -6.56
N GLU A 88 30.86 -12.85 -5.52
CA GLU A 88 31.18 -14.26 -5.50
C GLU A 88 30.17 -15.01 -4.65
N VAL A 89 29.58 -16.07 -5.19
CA VAL A 89 28.57 -16.84 -4.50
C VAL A 89 29.21 -17.83 -3.53
N GLN A 90 28.58 -18.02 -2.38
CA GLN A 90 28.92 -19.12 -1.46
C GLN A 90 27.63 -19.84 -1.10
N ASP A 91 27.64 -21.15 -1.17
CA ASP A 91 26.46 -21.97 -0.87
C ASP A 91 26.48 -22.37 0.60
N LEU A 92 25.32 -22.29 1.24
CA LEU A 92 25.16 -22.79 2.62
C LEU A 92 24.40 -24.11 2.57
N ASP A 93 24.74 -25.02 3.49
CA ASP A 93 24.26 -26.42 3.45
C ASP A 93 22.72 -26.53 3.37
N GLU A 94 22.02 -26.15 4.44
CA GLU A 94 20.56 -26.28 4.49
C GLU A 94 20.00 -25.70 5.79
N GLU A 103 17.42 -18.56 19.41
CA GLU A 103 17.61 -17.79 18.18
C GLU A 103 18.73 -18.39 17.30
N THR A 104 18.43 -19.48 16.63
CA THR A 104 19.38 -20.16 15.73
C THR A 104 19.44 -19.52 14.33
N VAL A 105 18.29 -19.14 13.78
CA VAL A 105 18.23 -18.48 12.46
C VAL A 105 18.90 -17.10 12.51
N ARG A 106 18.66 -16.39 13.60
CA ARG A 106 19.28 -15.09 13.85
C ARG A 106 20.80 -15.21 13.88
N GLU A 107 21.30 -16.24 14.55
CA GLU A 107 22.73 -16.47 14.65
C GLU A 107 23.32 -16.80 13.27
N THR A 108 22.71 -17.77 12.60
CA THR A 108 23.12 -18.12 11.24
C THR A 108 23.11 -16.94 10.28
N ALA A 109 22.13 -16.05 10.41
CA ALA A 109 22.02 -14.88 9.54
C ALA A 109 23.16 -13.87 9.75
N ASN A 110 23.54 -13.62 11.00
CA ASN A 110 24.66 -12.72 11.28
C ASN A 110 26.03 -13.34 10.94
N MET A 111 26.22 -14.62 11.25
CA MET A 111 27.52 -15.28 11.09
C MET A 111 27.96 -15.40 9.63
N ILE A 112 27.00 -15.56 8.72
CA ILE A 112 27.30 -15.66 7.28
C ILE A 112 27.39 -14.30 6.57
N SER A 113 26.97 -13.23 7.25
CA SER A 113 26.78 -11.93 6.60
C SER A 113 27.94 -10.94 6.68
N PHE A 114 28.95 -11.23 7.49
CA PHE A 114 30.01 -10.26 7.77
C PHE A 114 30.56 -9.59 6.52
N MET A 115 30.73 -10.37 5.45
CA MET A 115 31.17 -9.83 4.18
C MET A 115 30.25 -10.27 3.05
N ALA A 116 28.96 -10.29 3.33
CA ALA A 116 27.94 -10.64 2.35
C ALA A 116 27.13 -9.40 2.04
N ASP A 117 26.90 -9.13 0.77
CA ASP A 117 26.04 -8.02 0.36
C ASP A 117 24.63 -8.49 0.02
N ILE A 118 24.53 -9.72 -0.46
CA ILE A 118 23.26 -10.29 -0.90
C ILE A 118 23.05 -11.67 -0.30
N ILE A 119 21.79 -12.02 -0.03
CA ILE A 119 21.39 -13.36 0.35
C ILE A 119 20.19 -13.80 -0.50
N GLY A 120 20.39 -14.81 -1.34
CA GLY A 120 19.30 -15.43 -2.08
C GLY A 120 18.81 -16.69 -1.39
N ILE A 121 17.50 -16.82 -1.27
CA ILE A 121 16.91 -17.92 -0.49
C ILE A 121 15.85 -18.68 -1.30
N ARG A 122 15.98 -20.00 -1.32
CA ARG A 122 14.97 -20.87 -1.91
C ARG A 122 14.42 -21.76 -0.81
N ASP A 123 13.13 -21.64 -0.52
CA ASP A 123 12.48 -22.43 0.51
C ASP A 123 10.98 -22.57 0.18
N ASP A 124 10.64 -23.61 -0.58
CA ASP A 124 9.34 -23.70 -1.25
C ASP A 124 8.57 -25.00 -0.97
N MET A 125 9.09 -25.82 -0.05
CA MET A 125 8.56 -27.15 0.19
C MET A 125 7.39 -27.19 1.18
N TYR A 126 7.23 -26.14 1.99
CA TYR A 126 6.24 -26.13 3.09
C TYR A 126 5.46 -24.80 3.20
N ILE A 127 4.13 -24.90 3.17
CA ILE A 127 3.24 -23.73 3.27
C ILE A 127 3.29 -23.08 4.65
N GLY A 128 3.58 -21.78 4.69
CA GLY A 128 3.67 -21.02 5.94
C GLY A 128 5.11 -20.80 6.40
N LYS A 129 5.95 -21.81 6.27
CA LYS A 129 7.30 -21.78 6.83
C LYS A 129 8.28 -20.92 6.01
N GLY A 130 8.20 -21.00 4.69
CA GLY A 130 9.17 -20.36 3.79
C GLY A 130 9.24 -18.85 3.86
N ASN A 131 8.07 -18.20 3.80
CA ASN A 131 8.00 -16.74 3.80
C ASN A 131 8.36 -16.15 5.17
N ALA A 132 7.94 -16.83 6.23
CA ALA A 132 8.28 -16.42 7.60
C ALA A 132 9.78 -16.52 7.85
N TYR A 133 10.41 -17.56 7.29
CA TYR A 133 11.84 -17.78 7.46
C TYR A 133 12.67 -16.65 6.85
N MET A 134 12.22 -16.13 5.70
CA MET A 134 12.92 -15.03 5.05
C MET A 134 12.76 -13.70 5.80
N HIS A 135 11.58 -13.46 6.34
CA HIS A 135 11.35 -12.29 7.18
C HIS A 135 12.24 -12.31 8.42
N GLU A 136 12.39 -13.48 9.04
CA GLU A 136 13.27 -13.60 10.21
C GLU A 136 14.74 -13.33 9.85
N VAL A 137 15.20 -13.82 8.72
CA VAL A 137 16.58 -13.59 8.29
C VAL A 137 16.81 -12.10 8.05
N SER A 138 15.91 -11.48 7.29
CA SER A 138 15.99 -10.05 7.02
C SER A 138 16.03 -9.24 8.30
N GLU A 139 15.08 -9.50 9.20
CA GLU A 139 15.01 -8.78 10.47
C GLU A 139 16.29 -8.91 11.27
N SER A 140 16.81 -10.14 11.35
CA SER A 140 18.04 -10.41 12.08
C SER A 140 19.20 -9.61 11.51
N VAL A 141 19.34 -9.68 10.19
CA VAL A 141 20.35 -8.92 9.45
C VAL A 141 20.17 -7.39 9.58
N GLN A 142 18.94 -6.90 9.63
CA GLN A 142 18.69 -5.48 9.87
C GLN A 142 19.21 -5.05 11.24
N GLU A 143 18.90 -5.84 12.27
CA GLU A 143 19.28 -5.50 13.64
C GLU A 143 20.81 -5.53 13.81
N GLY A 144 21.45 -6.53 13.22
CA GLY A 144 22.90 -6.64 13.25
C GLY A 144 23.59 -5.41 12.69
N TYR A 145 23.06 -4.89 11.58
CA TYR A 145 23.57 -3.66 10.99
C TYR A 145 23.41 -2.49 11.96
N LYS A 146 22.26 -2.40 12.63
CA LYS A 146 22.01 -1.31 13.58
C LYS A 146 22.91 -1.40 14.82
N ASP A 147 23.19 -2.61 15.28
CA ASP A 147 23.97 -2.82 16.51
C ASP A 147 25.49 -2.89 16.28
N GLY A 148 25.93 -2.64 15.03
CA GLY A 148 27.37 -2.58 14.71
C GLY A 148 28.06 -3.92 14.48
N VAL A 149 27.31 -5.01 14.57
CA VAL A 149 27.83 -6.35 14.29
C VAL A 149 28.23 -6.47 12.82
N LEU A 150 27.46 -5.83 11.95
CA LEU A 150 27.61 -5.94 10.50
C LEU A 150 27.96 -4.58 9.90
N GLU A 151 28.93 -4.56 8.99
CA GLU A 151 29.34 -3.32 8.32
C GLU A 151 28.32 -2.85 7.27
N GLN A 152 27.48 -3.77 6.80
CA GLN A 152 26.45 -3.45 5.82
C GLN A 152 25.16 -4.20 6.14
N ARG A 153 24.12 -3.92 5.38
CA ARG A 153 22.80 -4.51 5.55
C ARG A 153 22.51 -5.34 4.29
N PRO A 154 22.67 -6.67 4.38
CA PRO A 154 22.46 -7.52 3.22
C PRO A 154 21.00 -7.52 2.77
N THR A 155 20.78 -7.41 1.47
CA THR A 155 19.42 -7.41 0.94
C THR A 155 19.08 -8.83 0.49
N LEU A 156 17.83 -9.23 0.73
CA LEU A 156 17.38 -10.58 0.41
C LEU A 156 16.63 -10.62 -0.92
N VAL A 157 16.90 -11.67 -1.69
CA VAL A 157 16.17 -11.95 -2.93
C VAL A 157 15.51 -13.32 -2.80
N ASN A 158 14.18 -13.33 -2.81
CA ASN A 158 13.42 -14.58 -2.75
C ASN A 158 13.57 -15.37 -4.05
N LEU A 159 14.33 -16.47 -4.01
CA LEU A 159 14.61 -17.27 -5.20
C LEU A 159 13.57 -18.38 -5.40
N GLN A 160 12.70 -18.56 -4.40
CA GLN A 160 11.40 -19.27 -4.53
C GLN A 160 10.88 -19.68 -3.15
N CYS A 161 9.64 -19.29 -2.84
CA CYS A 161 9.01 -19.68 -1.57
C CYS A 161 7.66 -20.37 -1.78
N ASP A 162 6.92 -20.60 -0.69
CA ASP A 162 5.62 -21.25 -0.76
C ASP A 162 4.51 -20.37 -1.34
N ILE A 163 4.71 -19.06 -1.36
CA ILE A 163 3.68 -18.10 -1.80
C ILE A 163 3.87 -17.63 -3.26
N ASP A 164 5.06 -17.15 -3.58
CA ASP A 164 5.38 -16.55 -4.89
C ASP A 164 6.72 -17.08 -5.44
N HIS A 165 6.94 -16.89 -6.74
CA HIS A 165 8.23 -17.15 -7.39
C HIS A 165 8.59 -15.90 -8.20
N PRO A 166 9.01 -14.83 -7.52
CA PRO A 166 9.15 -13.50 -8.12
C PRO A 166 10.18 -13.39 -9.25
N THR A 167 11.27 -14.14 -9.18
CA THR A 167 12.26 -14.08 -10.24
C THR A 167 11.74 -14.78 -11.51
N GLN A 168 10.97 -15.84 -11.34
CA GLN A 168 10.38 -16.56 -12.46
C GLN A 168 9.26 -15.74 -13.12
N ALA A 169 8.30 -15.31 -12.30
CA ALA A 169 7.20 -14.47 -12.77
C ALA A 169 7.66 -13.21 -13.53
N MET A 170 8.66 -12.52 -13.00
CA MET A 170 9.15 -11.29 -13.62
C MET A 170 9.93 -11.59 -14.90
N ALA A 171 10.65 -12.71 -14.93
CA ALA A 171 11.31 -13.17 -16.15
C ALA A 171 10.27 -13.52 -17.19
N ASP A 172 9.17 -14.15 -16.75
CA ASP A 172 8.05 -14.47 -17.64
C ASP A 172 7.34 -13.22 -18.18
N ALA A 173 7.12 -12.24 -17.31
CA ALA A 173 6.48 -10.98 -17.72
C ALA A 173 7.37 -10.24 -18.73
N LEU A 174 8.67 -10.26 -18.50
CA LEU A 174 9.60 -9.54 -19.35
C LEU A 174 9.67 -10.19 -20.73
N HIS A 175 9.61 -11.51 -20.75
CA HIS A 175 9.46 -12.28 -21.99
C HIS A 175 8.27 -11.77 -22.79
N LEU A 176 7.12 -11.62 -22.13
CA LEU A 176 5.89 -11.15 -22.79
C LEU A 176 6.04 -9.74 -23.34
N ILE A 177 6.57 -8.83 -22.53
CA ILE A 177 6.84 -7.45 -22.96
C ILE A 177 7.65 -7.41 -24.27
N HIS A 178 8.66 -8.27 -24.38
CA HIS A 178 9.49 -8.33 -25.59
C HIS A 178 8.84 -9.09 -26.74
N GLU A 179 7.96 -10.03 -26.44
CA GLU A 179 7.23 -10.76 -27.49
C GLU A 179 6.09 -9.97 -28.10
N PHE A 180 5.48 -9.08 -27.32
CA PHE A 180 4.34 -8.28 -27.79
C PHE A 180 4.68 -6.79 -27.94
N GLY A 181 5.96 -6.44 -27.83
CA GLY A 181 6.44 -5.13 -28.25
C GLY A 181 6.16 -3.99 -27.30
N GLY A 182 6.20 -4.27 -26.00
CA GLY A 182 6.00 -3.24 -24.98
C GLY A 182 5.03 -3.67 -23.90
N ILE A 183 5.15 -3.06 -22.73
CA ILE A 183 4.28 -3.39 -21.61
C ILE A 183 2.84 -2.93 -21.85
N GLU A 184 2.64 -1.88 -22.65
CA GLU A 184 1.28 -1.39 -22.95
C GLU A 184 0.48 -2.30 -23.88
N ASN A 185 1.17 -3.07 -24.73
CA ASN A 185 0.48 -4.00 -25.64
C ASN A 185 -0.06 -5.25 -24.93
N LEU A 186 0.35 -5.48 -23.69
CA LEU A 186 -0.18 -6.57 -22.86
C LEU A 186 -1.63 -6.31 -22.42
N LYS A 187 -2.05 -5.04 -22.41
CA LYS A 187 -3.40 -4.69 -21.97
C LYS A 187 -4.44 -5.33 -22.89
N GLY A 188 -5.42 -6.01 -22.30
CA GLY A 188 -6.47 -6.69 -23.06
C GLY A 188 -6.15 -8.12 -23.50
N LYS A 189 -4.88 -8.52 -23.42
CA LYS A 189 -4.44 -9.86 -23.84
C LYS A 189 -4.94 -10.93 -22.87
N LYS A 190 -5.21 -12.13 -23.38
CA LYS A 190 -5.80 -13.21 -22.57
C LYS A 190 -4.77 -14.28 -22.22
N VAL A 191 -4.48 -14.41 -20.92
CA VAL A 191 -3.48 -15.35 -20.42
C VAL A 191 -4.16 -16.50 -19.67
N ALA A 192 -3.98 -17.72 -20.15
CA ALA A 192 -4.54 -18.89 -19.48
C ALA A 192 -3.50 -19.56 -18.59
N MET A 193 -3.54 -19.26 -17.29
CA MET A 193 -2.75 -19.99 -16.30
C MET A 193 -3.57 -21.20 -15.89
N THR A 194 -3.21 -22.37 -16.42
CA THR A 194 -3.99 -23.58 -16.18
C THR A 194 -3.17 -24.71 -15.55
N TRP A 195 -3.89 -25.65 -14.97
CA TRP A 195 -3.32 -26.90 -14.45
C TRP A 195 -3.02 -27.83 -15.63
N ALA A 196 -2.15 -28.81 -15.41
CA ALA A 196 -1.86 -29.85 -16.40
C ALA A 196 -1.51 -31.14 -15.67
N TYR A 197 -1.53 -32.29 -16.34
CA TYR A 197 -1.21 -33.54 -15.65
C TYR A 197 0.30 -33.70 -15.48
N SER A 198 0.71 -34.04 -14.26
CA SER A 198 2.08 -34.46 -13.99
C SER A 198 2.07 -35.81 -13.27
N PRO A 199 2.98 -36.73 -13.66
CA PRO A 199 3.15 -37.96 -12.88
C PRO A 199 3.70 -37.72 -11.47
N SER A 200 4.43 -36.62 -11.29
CA SER A 200 5.06 -36.29 -10.02
C SER A 200 4.05 -36.14 -8.88
N TYR A 201 4.53 -36.42 -7.66
CA TYR A 201 3.70 -36.40 -6.45
C TYR A 201 2.90 -35.09 -6.29
N GLY A 202 3.60 -33.99 -6.02
CA GLY A 202 2.93 -32.72 -5.77
C GLY A 202 3.90 -31.55 -5.82
N LYS A 203 3.68 -30.68 -6.80
CA LYS A 203 4.56 -29.52 -7.03
C LYS A 203 4.01 -28.29 -6.33
N PRO A 204 4.91 -27.41 -5.85
CA PRO A 204 4.51 -26.14 -5.24
C PRO A 204 3.60 -25.27 -6.12
N LEU A 205 2.85 -24.37 -5.48
CA LEU A 205 1.92 -23.50 -6.18
C LEU A 205 2.51 -22.11 -6.42
N SER A 206 3.82 -21.96 -6.17
CA SER A 206 4.45 -20.65 -6.28
C SER A 206 4.41 -20.05 -7.69
N VAL A 207 4.56 -20.88 -8.72
CA VAL A 207 4.50 -20.39 -10.10
C VAL A 207 3.09 -19.96 -10.50
N PRO A 208 2.08 -20.83 -10.32
CA PRO A 208 0.70 -20.45 -10.63
C PRO A 208 0.24 -19.21 -9.88
N GLN A 209 0.54 -19.16 -8.59
CA GLN A 209 0.16 -18.01 -7.75
C GLN A 209 0.97 -16.78 -8.13
N GLY A 210 2.23 -17.01 -8.51
CA GLY A 210 3.13 -15.94 -8.88
C GLY A 210 2.77 -15.24 -10.18
N ILE A 211 2.41 -16.00 -11.21
CA ILE A 211 2.07 -15.34 -12.47
C ILE A 211 0.62 -14.79 -12.46
N VAL A 212 -0.30 -15.44 -11.75
CA VAL A 212 -1.64 -14.87 -11.54
C VAL A 212 -1.57 -13.56 -10.73
N GLY A 213 -0.71 -13.51 -9.74
CA GLY A 213 -0.49 -12.29 -8.96
C GLY A 213 0.26 -11.18 -9.67
N LEU A 214 1.01 -11.53 -10.72
CA LEU A 214 1.77 -10.56 -11.49
C LEU A 214 1.02 -10.09 -12.73
N MET A 215 0.55 -11.01 -13.57
CA MET A 215 -0.10 -10.62 -14.83
C MET A 215 -1.33 -9.75 -14.59
N THR A 216 -1.94 -9.87 -13.43
CA THR A 216 -3.08 -9.03 -13.07
C THR A 216 -2.68 -7.57 -12.83
N ARG A 217 -1.39 -7.34 -12.58
CA ARG A 217 -0.84 -5.98 -12.46
C ARG A 217 -0.68 -5.28 -13.80
N LEU A 218 -0.59 -6.06 -14.87
CA LEU A 218 -0.22 -5.55 -16.19
C LEU A 218 -1.45 -5.34 -17.10
N GLY A 219 -2.64 -5.30 -16.50
CA GLY A 219 -3.87 -5.02 -17.22
C GLY A 219 -4.33 -6.13 -18.15
N MET A 220 -3.86 -7.35 -17.92
CA MET A 220 -4.18 -8.47 -18.79
C MET A 220 -5.49 -9.12 -18.39
N ASP A 221 -5.98 -10.01 -19.24
CA ASP A 221 -7.22 -10.74 -19.04
C ASP A 221 -6.83 -12.13 -18.54
N VAL A 222 -6.63 -12.27 -17.23
CA VAL A 222 -6.10 -13.51 -16.67
C VAL A 222 -7.21 -14.50 -16.26
N VAL A 223 -7.04 -15.76 -16.62
CA VAL A 223 -7.96 -16.85 -16.24
C VAL A 223 -7.22 -17.98 -15.52
N LEU A 224 -7.66 -18.30 -14.29
CA LEU A 224 -7.12 -19.42 -13.54
C LEU A 224 -7.98 -20.64 -13.82
N ALA A 225 -7.41 -21.62 -14.52
CA ALA A 225 -8.14 -22.82 -14.91
C ALA A 225 -7.51 -24.06 -14.25
N HIS A 226 -8.24 -24.66 -13.31
CA HIS A 226 -7.80 -25.91 -12.69
C HIS A 226 -8.99 -26.78 -12.37
N PRO A 227 -8.77 -28.11 -12.32
CA PRO A 227 -9.87 -28.99 -11.93
C PRO A 227 -10.29 -28.71 -10.49
N GLU A 228 -11.54 -29.02 -10.18
CA GLU A 228 -12.09 -28.78 -8.85
C GLU A 228 -11.27 -29.55 -7.81
N GLY A 229 -10.96 -28.88 -6.71
CA GLY A 229 -10.12 -29.47 -5.65
C GLY A 229 -8.68 -28.97 -5.66
N TYR A 230 -8.26 -28.32 -6.74
CA TYR A 230 -6.89 -27.82 -6.88
C TYR A 230 -6.80 -26.31 -6.65
N GLU A 231 -7.59 -25.81 -5.69
CA GLU A 231 -7.68 -24.37 -5.46
C GLU A 231 -6.32 -23.88 -4.97
N ILE A 232 -5.90 -22.72 -5.44
CA ILE A 232 -4.67 -22.12 -4.96
C ILE A 232 -4.91 -21.41 -3.63
N MET A 233 -3.83 -20.94 -3.00
CA MET A 233 -3.92 -20.18 -1.76
C MET A 233 -4.97 -19.08 -1.95
N PRO A 234 -6.05 -19.11 -1.16
CA PRO A 234 -7.15 -18.16 -1.36
C PRO A 234 -6.78 -16.69 -1.19
N GLU A 235 -5.70 -16.43 -0.45
CA GLU A 235 -5.21 -15.06 -0.25
C GLU A 235 -4.55 -14.50 -1.51
N VAL A 236 -4.06 -15.39 -2.38
CA VAL A 236 -3.50 -15.00 -3.67
C VAL A 236 -4.59 -14.77 -4.72
N GLU A 237 -5.71 -15.49 -4.61
CA GLU A 237 -6.89 -15.19 -5.42
C GLU A 237 -7.35 -13.77 -5.11
N GLU A 238 -7.36 -13.43 -3.82
CA GLU A 238 -7.80 -12.11 -3.39
C GLU A 238 -6.89 -10.99 -3.89
N VAL A 239 -5.59 -11.23 -3.92
CA VAL A 239 -4.63 -10.28 -4.49
C VAL A 239 -4.90 -10.04 -5.99
N ALA A 240 -5.19 -11.11 -6.73
CA ALA A 240 -5.47 -11.02 -8.18
C ALA A 240 -6.75 -10.25 -8.48
N LYS A 241 -7.81 -10.58 -7.75
CA LYS A 241 -9.11 -9.91 -7.87
C LYS A 241 -8.93 -8.40 -7.66
N LYS A 242 -8.27 -8.03 -6.57
CA LYS A 242 -7.96 -6.64 -6.28
C LYS A 242 -7.20 -6.01 -7.43
N ASN A 243 -6.08 -6.64 -7.81
CA ASN A 243 -5.24 -6.13 -8.88
C ASN A 243 -6.07 -5.75 -10.09
N ALA A 244 -6.82 -6.72 -10.60
CA ALA A 244 -7.60 -6.54 -11.82
C ALA A 244 -8.65 -5.45 -11.65
N ALA A 245 -9.40 -5.51 -10.56
CA ALA A 245 -10.45 -4.52 -10.28
C ALA A 245 -9.90 -3.11 -10.11
N GLU A 246 -8.66 -3.00 -9.65
CA GLU A 246 -8.04 -1.70 -9.34
C GLU A 246 -7.29 -1.09 -10.52
N PHE A 247 -6.48 -1.89 -11.23
CA PHE A 247 -5.60 -1.39 -12.29
C PHE A 247 -5.98 -1.88 -13.70
N GLY A 248 -7.23 -2.28 -13.88
CA GLY A 248 -7.76 -2.64 -15.20
C GLY A 248 -7.68 -4.14 -15.51
N GLY A 249 -8.32 -4.54 -16.60
CA GLY A 249 -8.34 -5.95 -16.99
C GLY A 249 -9.28 -6.78 -16.15
N ASN A 250 -9.01 -8.09 -16.08
CA ASN A 250 -9.90 -9.04 -15.43
C ASN A 250 -9.17 -10.22 -14.80
N PHE A 251 -9.85 -10.85 -13.85
CA PHE A 251 -9.42 -12.13 -13.29
C PHE A 251 -10.65 -13.01 -13.25
N THR A 252 -10.50 -14.26 -13.70
CA THR A 252 -11.60 -15.22 -13.69
C THR A 252 -11.10 -16.58 -13.22
N LYS A 253 -11.98 -17.32 -12.56
CA LYS A 253 -11.71 -18.70 -12.15
C LYS A 253 -12.65 -19.64 -12.91
N THR A 254 -12.15 -20.81 -13.29
CA THR A 254 -12.94 -21.79 -14.04
C THR A 254 -12.39 -23.20 -13.83
N ASN A 255 -13.24 -24.21 -14.06
CA ASN A 255 -12.86 -25.61 -13.97
C ASN A 255 -12.79 -26.29 -15.35
N SER A 256 -12.77 -25.49 -16.41
CA SER A 256 -12.71 -26.00 -17.78
C SER A 256 -11.44 -25.53 -18.49
N MET A 257 -10.63 -26.49 -18.93
CA MET A 257 -9.42 -26.18 -19.68
C MET A 257 -9.74 -25.54 -21.04
N ALA A 258 -10.75 -26.07 -21.73
CA ALA A 258 -11.17 -25.59 -23.05
C ALA A 258 -11.59 -24.12 -23.03
N GLU A 259 -12.46 -23.80 -22.07
CA GLU A 259 -12.96 -22.45 -21.87
C GLU A 259 -11.83 -21.44 -21.65
N ALA A 260 -10.78 -21.86 -20.95
CA ALA A 260 -9.61 -21.01 -20.73
C ALA A 260 -8.74 -20.88 -21.98
N PHE A 261 -8.60 -21.97 -22.74
CA PHE A 261 -7.78 -21.95 -23.96
C PHE A 261 -8.46 -21.16 -25.10
N LYS A 262 -9.78 -21.23 -25.19
CA LYS A 262 -10.53 -20.57 -26.26
C LYS A 262 -10.16 -19.09 -26.43
N ASP A 263 -9.63 -18.76 -27.61
CA ASP A 263 -9.21 -17.39 -27.97
C ASP A 263 -8.06 -16.83 -27.12
N ALA A 264 -7.40 -17.68 -26.33
CA ALA A 264 -6.28 -17.27 -25.50
C ALA A 264 -5.13 -16.73 -26.36
N ASP A 265 -4.50 -15.65 -25.91
CA ASP A 265 -3.31 -15.09 -26.55
C ASP A 265 -2.04 -15.74 -26.03
N VAL A 266 -2.07 -16.09 -24.75
CA VAL A 266 -0.96 -16.72 -24.06
C VAL A 266 -1.49 -17.93 -23.27
N VAL A 267 -0.67 -18.97 -23.17
CA VAL A 267 -1.06 -20.21 -22.52
C VAL A 267 0.08 -20.71 -21.62
N TYR A 268 -0.26 -20.94 -20.34
CA TYR A 268 0.71 -21.33 -19.32
C TYR A 268 0.15 -22.54 -18.58
N PRO A 269 0.39 -23.75 -19.10
CA PRO A 269 -0.16 -24.94 -18.48
C PRO A 269 0.89 -25.74 -17.71
N LYS A 270 0.89 -25.58 -16.40
CA LYS A 270 1.78 -26.32 -15.50
C LYS A 270 0.99 -26.85 -14.32
N SER A 271 1.34 -28.05 -13.83
CA SER A 271 0.62 -28.68 -12.73
C SER A 271 1.09 -28.15 -11.36
N TRP A 272 0.25 -28.35 -10.36
CA TRP A 272 0.56 -28.02 -8.97
C TRP A 272 -0.34 -28.83 -8.04
N ALA A 273 0.14 -29.08 -6.83
CA ALA A 273 -0.64 -29.78 -5.80
C ALA A 273 -1.64 -28.82 -5.15
N PRO A 274 -2.83 -29.34 -4.75
CA PRO A 274 -3.84 -28.51 -4.08
C PRO A 274 -3.32 -27.79 -2.84
N PHE A 275 -3.62 -26.50 -2.72
CA PHE A 275 -3.17 -25.70 -1.57
C PHE A 275 -3.50 -26.39 -0.26
N ALA A 276 -4.75 -26.82 -0.14
CA ALA A 276 -5.24 -27.49 1.07
C ALA A 276 -4.36 -28.67 1.44
N ALA A 277 -4.06 -29.51 0.45
CA ALA A 277 -3.21 -30.69 0.67
C ALA A 277 -1.82 -30.31 1.21
N MET A 278 -1.28 -29.20 0.71
CA MET A 278 0.00 -28.68 1.20
C MET A 278 -0.07 -28.19 2.65
N GLU A 279 -1.24 -27.69 3.07
CA GLU A 279 -1.44 -27.33 4.47
C GLU A 279 -1.40 -28.57 5.37
N LYS A 280 -2.06 -29.64 4.94
CA LYS A 280 -2.01 -30.91 5.67
C LYS A 280 -0.58 -31.40 5.78
N ARG A 281 0.06 -31.52 4.61
CA ARG A 281 1.44 -32.02 4.51
C ARG A 281 2.39 -31.38 5.53
N THR A 282 2.27 -30.06 5.67
CA THR A 282 3.13 -29.32 6.58
C THR A 282 2.81 -29.60 8.05
N GLU A 283 1.53 -29.70 8.38
CA GLU A 283 1.11 -30.05 9.74
C GLU A 283 1.62 -31.44 10.10
N LEU A 284 1.41 -32.39 9.20
CA LEU A 284 1.93 -33.75 9.38
C LEU A 284 3.45 -33.72 9.54
N TYR A 285 4.12 -32.93 8.70
CA TYR A 285 5.56 -32.75 8.80
C TYR A 285 5.98 -32.11 10.13
N GLY A 286 5.16 -31.16 10.60
CA GLY A 286 5.37 -30.52 11.91
C GLY A 286 5.10 -31.47 13.07
N ASN A 287 4.02 -32.25 12.97
CA ASN A 287 3.71 -33.28 13.98
C ASN A 287 4.70 -34.45 13.94
N GLY A 288 5.38 -34.62 12.81
CA GLY A 288 6.36 -35.69 12.63
C GLY A 288 5.78 -36.96 12.00
N ASP A 289 4.47 -36.98 11.78
CA ASP A 289 3.76 -38.18 11.32
C ASP A 289 4.11 -38.54 9.87
N GLN A 290 5.20 -39.27 9.70
CA GLN A 290 5.67 -39.70 8.38
C GLN A 290 4.71 -40.69 7.71
N ALA A 291 4.02 -41.50 8.50
CA ALA A 291 3.05 -42.47 7.98
C ALA A 291 1.86 -41.78 7.32
N GLY A 292 1.45 -40.64 7.87
CA GLY A 292 0.39 -39.82 7.28
C GLY A 292 0.83 -39.17 5.98
N ILE A 293 2.06 -38.63 5.97
CA ILE A 293 2.64 -38.03 4.76
C ILE A 293 2.63 -39.01 3.59
N ASP A 294 3.12 -40.23 3.82
CA ASP A 294 3.15 -41.27 2.79
C ASP A 294 1.77 -41.54 2.19
N GLN A 295 0.75 -41.56 3.05
CA GLN A 295 -0.64 -41.77 2.64
C GLN A 295 -1.19 -40.58 1.86
N LEU A 296 -0.91 -39.37 2.34
CA LEU A 296 -1.39 -38.14 1.68
C LEU A 296 -0.87 -38.05 0.25
N GLU A 297 0.41 -38.35 0.06
CA GLU A 297 1.04 -38.28 -1.26
C GLU A 297 0.54 -39.36 -2.21
N GLN A 298 0.13 -40.51 -1.66
CA GLN A 298 -0.51 -41.57 -2.43
C GLN A 298 -1.95 -41.18 -2.79
N GLU A 299 -2.62 -40.46 -1.90
CA GLU A 299 -3.98 -39.98 -2.14
C GLU A 299 -4.00 -38.93 -3.27
N LEU A 300 -2.99 -38.06 -3.30
CA LEU A 300 -2.83 -37.09 -4.40
C LEU A 300 -2.56 -37.78 -5.74
N LEU A 301 -1.68 -38.79 -5.72
CA LEU A 301 -1.24 -39.48 -6.95
C LEU A 301 -2.42 -39.97 -7.76
N SER A 302 -3.36 -40.63 -7.09
CA SER A 302 -4.57 -41.15 -7.74
C SER A 302 -5.66 -40.09 -7.94
N GLN A 303 -5.62 -38.99 -7.18
CA GLN A 303 -6.55 -37.89 -7.41
C GLN A 303 -6.28 -37.24 -8.77
N ASN A 304 -5.03 -36.83 -8.99
CA ASN A 304 -4.67 -36.21 -10.26
C ASN A 304 -4.54 -37.21 -11.42
N LYS A 305 -4.53 -38.50 -11.08
CA LYS A 305 -4.68 -39.57 -12.08
C LYS A 305 -6.03 -39.48 -12.80
N LYS A 306 -7.03 -38.91 -12.12
CA LYS A 306 -8.37 -38.74 -12.70
C LYS A 306 -8.48 -37.56 -13.66
N HIS A 307 -7.37 -36.85 -13.89
CA HIS A 307 -7.37 -35.67 -14.76
C HIS A 307 -6.23 -35.68 -15.76
N LYS A 308 -5.91 -36.88 -16.27
CA LYS A 308 -4.92 -37.05 -17.33
C LYS A 308 -5.28 -36.27 -18.60
N ASP A 309 -6.57 -36.02 -18.82
CA ASP A 309 -7.03 -35.27 -19.99
C ASP A 309 -6.61 -33.79 -19.98
N TRP A 310 -6.11 -33.29 -18.84
CA TRP A 310 -5.54 -31.95 -18.77
C TRP A 310 -4.12 -31.92 -19.34
N GLU A 311 -4.03 -31.73 -20.66
CA GLU A 311 -2.76 -31.73 -21.37
C GLU A 311 -2.80 -30.65 -22.45
N CYS A 312 -1.74 -29.85 -22.56
CA CYS A 312 -1.66 -28.85 -23.62
C CYS A 312 -1.44 -29.56 -24.94
N THR A 313 -2.54 -29.83 -25.62
CA THR A 313 -2.53 -30.69 -26.80
C THR A 313 -2.59 -29.87 -28.08
N GLU A 314 -2.30 -30.51 -29.20
CA GLU A 314 -2.32 -29.84 -30.50
C GLU A 314 -3.74 -29.42 -30.88
N GLU A 315 -4.74 -30.21 -30.49
CA GLU A 315 -6.14 -29.84 -30.62
C GLU A 315 -6.53 -28.61 -29.78
N LEU A 316 -5.99 -28.50 -28.58
CA LEU A 316 -6.28 -27.33 -27.72
C LEU A 316 -5.62 -26.09 -28.32
N MET A 317 -4.36 -26.20 -28.69
CA MET A 317 -3.64 -25.09 -29.33
C MET A 317 -4.42 -24.55 -30.53
N LYS A 318 -5.07 -25.45 -31.26
CA LYS A 318 -5.85 -25.10 -32.44
C LYS A 318 -7.00 -24.12 -32.11
N THR A 319 -7.57 -24.22 -30.92
CA THR A 319 -8.67 -23.33 -30.49
C THR A 319 -8.17 -22.02 -29.85
N THR A 320 -6.87 -21.78 -29.93
CA THR A 320 -6.25 -20.55 -29.42
C THR A 320 -6.31 -19.45 -30.49
N LYS A 321 -6.02 -18.21 -30.09
CA LYS A 321 -5.94 -17.09 -31.04
C LYS A 321 -5.03 -17.46 -32.22
N ASP A 322 -5.66 -17.59 -33.39
CA ASP A 322 -4.97 -17.98 -34.64
C ASP A 322 -4.29 -19.35 -34.57
N GLY A 323 -4.65 -20.16 -33.58
CA GLY A 323 -3.99 -21.44 -33.36
C GLY A 323 -2.52 -21.34 -33.00
N LYS A 324 -2.10 -20.19 -32.47
CA LYS A 324 -0.70 -19.95 -32.15
C LYS A 324 -0.49 -18.98 -30.98
N ALA A 325 -1.14 -19.27 -29.85
CA ALA A 325 -0.88 -18.53 -28.63
C ALA A 325 0.52 -18.87 -28.15
N LEU A 326 1.21 -17.89 -27.57
CA LEU A 326 2.53 -18.13 -27.01
C LEU A 326 2.44 -19.13 -25.85
N TYR A 327 2.99 -20.33 -26.07
CA TYR A 327 3.14 -21.35 -25.03
C TYR A 327 4.28 -20.97 -24.08
N MET A 328 3.98 -20.89 -22.79
CA MET A 328 4.97 -20.58 -21.76
C MET A 328 5.00 -21.67 -20.69
N HIS A 329 6.21 -21.97 -20.21
CA HIS A 329 6.43 -22.95 -19.15
C HIS A 329 7.81 -22.66 -18.51
N CYS A 330 7.87 -22.67 -17.18
CA CYS A 330 9.09 -22.35 -16.44
C CYS A 330 10.23 -23.36 -16.70
N LEU A 331 9.85 -24.57 -17.08
CA LEU A 331 10.79 -25.67 -17.37
C LEU A 331 11.36 -26.29 -16.10
N PRO A 332 11.61 -27.61 -16.12
CA PRO A 332 11.37 -28.50 -17.26
C PRO A 332 9.91 -28.95 -17.29
N ALA A 333 9.41 -29.25 -18.48
CA ALA A 333 8.02 -29.68 -18.65
C ALA A 333 7.96 -31.20 -18.70
N ASP A 334 6.81 -31.77 -18.33
CA ASP A 334 6.54 -33.19 -18.55
C ASP A 334 5.96 -33.35 -19.95
N ILE A 335 6.79 -33.83 -20.88
CA ILE A 335 6.41 -33.97 -22.29
C ILE A 335 5.91 -35.39 -22.55
N THR A 336 4.68 -35.51 -23.05
CA THR A 336 4.06 -36.82 -23.26
C THR A 336 4.80 -37.64 -24.32
N GLY A 337 5.18 -38.86 -23.95
CA GLY A 337 5.89 -39.76 -24.86
C GLY A 337 7.36 -39.48 -25.03
N VAL A 338 7.94 -38.63 -24.17
CA VAL A 338 9.37 -38.35 -24.20
C VAL A 338 9.98 -38.41 -22.80
N SER A 339 9.52 -37.54 -21.91
CA SER A 339 9.95 -37.51 -20.52
C SER A 339 9.13 -38.46 -19.65
N CYS A 340 7.97 -38.89 -20.15
CA CYS A 340 7.03 -39.71 -19.39
C CYS A 340 5.95 -40.27 -20.30
N GLU A 341 5.15 -41.21 -19.79
CA GLU A 341 4.07 -41.81 -20.57
C GLU A 341 2.96 -40.79 -20.86
N GLU A 342 2.55 -40.08 -19.82
CA GLU A 342 1.52 -39.04 -19.95
C GLU A 342 1.93 -37.82 -19.14
N GLY A 343 1.81 -36.64 -19.75
CA GLY A 343 2.35 -35.42 -19.17
C GLY A 343 1.59 -34.14 -19.45
N GLU A 344 2.29 -33.01 -19.31
CA GLU A 344 1.68 -31.68 -19.39
C GLU A 344 1.46 -31.19 -20.81
N VAL A 345 2.25 -31.68 -21.77
CA VAL A 345 2.22 -31.13 -23.12
C VAL A 345 2.58 -32.18 -24.18
N GLU A 346 2.02 -32.01 -25.37
CA GLU A 346 2.29 -32.89 -26.51
C GLU A 346 3.65 -32.49 -27.09
N ALA A 347 4.39 -33.50 -27.57
CA ALA A 347 5.78 -33.28 -28.03
C ALA A 347 5.87 -32.24 -29.14
N SER A 348 5.02 -32.38 -30.15
CA SER A 348 5.02 -31.47 -31.30
C SER A 348 4.74 -30.02 -30.87
N VAL A 349 3.86 -29.84 -29.89
CA VAL A 349 3.58 -28.51 -29.36
C VAL A 349 4.83 -27.95 -28.70
N PHE A 350 5.43 -28.71 -27.78
CA PHE A 350 6.65 -28.28 -27.12
C PHE A 350 7.71 -27.90 -28.13
N ASP A 351 8.00 -28.80 -29.06
CA ASP A 351 9.10 -28.59 -30.02
C ASP A 351 8.96 -27.28 -30.79
N ARG A 352 7.74 -26.97 -31.23
CA ARG A 352 7.50 -25.77 -32.03
C ARG A 352 7.76 -24.46 -31.27
N TYR A 353 7.66 -24.50 -29.94
CA TYR A 353 7.92 -23.31 -29.10
C TYR A 353 9.27 -23.37 -28.36
N ARG A 354 10.05 -24.42 -28.60
CA ARG A 354 11.31 -24.63 -27.89
C ARG A 354 12.20 -23.39 -27.82
N VAL A 355 12.39 -22.73 -28.97
CA VAL A 355 13.17 -21.51 -29.05
C VAL A 355 12.63 -20.44 -28.10
N GLU A 356 11.32 -20.20 -28.11
CA GLU A 356 10.70 -19.20 -27.24
C GLU A 356 10.82 -19.56 -25.77
N LEU A 357 10.64 -20.84 -25.47
CA LEU A 357 10.72 -21.34 -24.08
C LEU A 357 12.11 -21.13 -23.48
N TYR A 358 13.15 -21.31 -24.30
CA TYR A 358 14.53 -21.13 -23.83
C TYR A 358 14.86 -19.64 -23.68
N LYS A 359 14.45 -18.84 -24.66
CA LYS A 359 14.59 -17.38 -24.60
C LYS A 359 13.88 -16.83 -23.36
N GLU A 360 12.74 -17.41 -23.00
CA GLU A 360 12.01 -17.04 -21.79
C GLU A 360 12.92 -17.22 -20.59
N ALA A 361 13.57 -18.39 -20.51
CA ALA A 361 14.46 -18.71 -19.39
C ALA A 361 15.66 -17.76 -19.29
N SER A 362 16.08 -17.21 -20.42
CA SER A 362 17.25 -16.31 -20.46
C SER A 362 17.06 -15.00 -19.66
N TYR A 363 15.82 -14.61 -19.41
CA TYR A 363 15.57 -13.37 -18.67
C TYR A 363 15.81 -13.53 -17.16
N LYS A 364 15.79 -14.75 -16.64
CA LYS A 364 15.93 -14.95 -15.20
C LYS A 364 17.24 -14.41 -14.61
N PRO A 365 18.39 -14.72 -15.24
CA PRO A 365 19.65 -14.17 -14.73
C PRO A 365 19.65 -12.64 -14.66
N TYR A 366 19.10 -11.99 -15.68
CA TYR A 366 19.03 -10.53 -15.70
C TYR A 366 18.03 -9.96 -14.69
N VAL A 367 16.95 -10.69 -14.43
CA VAL A 367 15.96 -10.26 -13.43
C VAL A 367 16.56 -10.27 -12.02
N ILE A 368 17.30 -11.31 -11.68
CA ILE A 368 17.97 -11.35 -10.38
C ILE A 368 19.02 -10.26 -10.26
N ALA A 369 19.79 -10.04 -11.32
CA ALA A 369 20.81 -8.97 -11.32
C ALA A 369 20.17 -7.60 -11.15
N ALA A 370 19.02 -7.38 -11.77
CA ALA A 370 18.30 -6.11 -11.67
C ALA A 370 17.86 -5.85 -10.22
N MET A 371 17.28 -6.86 -9.60
CA MET A 371 16.86 -6.79 -8.20
C MET A 371 18.03 -6.46 -7.28
N ILE A 372 19.17 -7.11 -7.52
CA ILE A 372 20.38 -6.83 -6.77
C ILE A 372 20.83 -5.40 -7.04
N PHE A 373 20.84 -5.01 -8.31
CA PHE A 373 21.29 -3.69 -8.71
C PHE A 373 20.47 -2.60 -8.03
N LEU A 374 19.16 -2.78 -8.06
CA LEU A 374 18.25 -1.78 -7.50
C LEU A 374 18.33 -1.69 -6.00
N SER A 375 18.66 -2.79 -5.34
CA SER A 375 18.77 -2.83 -3.88
C SER A 375 20.13 -2.33 -3.35
N LYS A 376 21.10 -2.14 -4.25
CA LYS A 376 22.44 -1.77 -3.83
C LYS A 376 23.01 -0.48 -4.44
N VAL A 377 22.31 0.10 -5.42
CA VAL A 377 22.78 1.32 -6.09
C VAL A 377 21.77 2.46 -5.91
N LYS A 378 22.12 3.44 -5.08
CA LYS A 378 21.20 4.54 -4.76
C LYS A 378 20.83 5.36 -5.99
N ASN A 379 21.75 5.51 -6.94
CA ASN A 379 21.47 6.19 -8.21
C ASN A 379 21.77 5.29 -9.42
N PRO A 380 20.80 4.43 -9.80
CA PRO A 380 21.00 3.52 -10.93
C PRO A 380 21.34 4.24 -12.25
N GLN A 381 20.64 5.34 -12.53
CA GLN A 381 20.86 6.07 -13.77
C GLN A 381 22.32 6.51 -13.90
N LYS A 382 22.82 7.17 -12.86
CA LYS A 382 24.21 7.64 -12.87
C LYS A 382 25.20 6.48 -13.02
N THR A 383 25.08 5.44 -12.20
CA THR A 383 26.04 4.33 -12.25
C THR A 383 25.97 3.55 -13.57
N LEU A 384 24.76 3.24 -14.03
CA LEU A 384 24.59 2.62 -15.35
C LEU A 384 25.27 3.46 -16.43
N THR A 385 25.14 4.78 -16.32
CA THR A 385 25.78 5.71 -17.26
C THR A 385 27.30 5.70 -17.07
N ASP A 386 27.77 5.66 -15.83
CA ASP A 386 29.20 5.59 -15.54
C ASP A 386 29.80 4.32 -16.15
N LEU A 387 29.11 3.20 -15.94
CA LEU A 387 29.53 1.91 -16.51
C LEU A 387 29.56 1.93 -18.04
N ALA A 388 28.64 2.67 -18.65
CA ALA A 388 28.61 2.77 -20.12
C ALA A 388 29.72 3.62 -20.70
N ASP A 389 30.07 4.69 -19.99
CA ASP A 389 31.12 5.60 -20.45
C ASP A 389 32.52 4.98 -20.32
N LYS A 390 32.77 4.34 -19.18
CA LYS A 390 34.02 3.60 -18.95
C LYS A 390 34.15 2.45 -19.95
N ALA A 391 33.03 1.78 -20.23
CA ALA A 391 32.97 0.73 -21.23
C ALA A 391 34.08 -0.30 -21.03
N THR A 392 34.16 -0.85 -19.83
CA THR A 392 35.14 -1.89 -19.54
C THR A 392 34.73 -3.15 -20.31
N PRO A 393 35.64 -3.67 -21.14
CA PRO A 393 35.32 -4.87 -21.92
C PRO A 393 35.27 -6.13 -21.05
N ARG A 394 34.21 -6.91 -21.16
CA ARG A 394 34.14 -8.18 -20.45
C ARG A 394 34.91 -9.25 -21.22
N GLU A 395 34.91 -9.17 -22.54
CA GLU A 395 35.72 -10.03 -23.41
C GLU A 395 36.75 -9.18 -24.13
N VAL A 396 37.82 -9.83 -24.58
CA VAL A 396 38.81 -9.16 -25.43
C VAL A 396 38.16 -8.92 -26.81
N LYS A 397 38.31 -7.69 -27.31
CA LYS A 397 37.71 -7.27 -28.59
C LYS A 397 38.70 -7.43 -29.74
N GLU B 2 -27.81 1.74 16.53
CA GLU B 2 -27.55 0.30 16.29
C GLU B 2 -27.08 -0.41 17.56
N THR B 3 -27.56 -1.64 17.76
CA THR B 3 -27.20 -2.46 18.92
C THR B 3 -25.70 -2.74 19.02
N PHE B 4 -25.27 -3.12 20.22
CA PHE B 4 -23.88 -3.44 20.48
C PHE B 4 -23.39 -4.63 19.64
N LYS B 5 -24.22 -5.66 19.56
CA LYS B 5 -23.90 -6.89 18.83
C LYS B 5 -23.57 -6.59 17.36
N GLU B 6 -24.31 -5.67 16.76
CA GLU B 6 -24.08 -5.26 15.37
C GLU B 6 -22.74 -4.54 15.17
N TYR B 7 -22.32 -3.73 16.15
CA TYR B 7 -21.03 -3.03 16.07
C TYR B 7 -19.87 -4.00 16.05
N ILE B 8 -19.87 -4.94 17.00
CA ILE B 8 -18.84 -5.99 17.08
C ILE B 8 -18.82 -6.82 15.80
N GLU B 9 -20.01 -7.16 15.30
CA GLU B 9 -20.15 -7.92 14.06
C GLU B 9 -19.55 -7.17 12.87
N LYS B 10 -19.68 -5.84 12.87
CA LYS B 10 -19.10 -5.04 11.80
C LYS B 10 -17.58 -5.10 11.90
N LEU B 11 -17.05 -4.99 13.11
CA LEU B 11 -15.60 -5.12 13.34
C LEU B 11 -15.08 -6.50 12.97
N ASP B 12 -15.89 -7.54 13.18
CA ASP B 12 -15.45 -8.90 12.92
C ASP B 12 -15.09 -9.12 11.45
N LYS B 13 -15.79 -8.46 10.53
CA LYS B 13 -15.53 -8.64 9.10
C LYS B 13 -14.67 -7.51 8.50
N LEU B 14 -13.89 -6.87 9.36
CA LEU B 14 -12.88 -5.91 8.94
C LEU B 14 -11.50 -6.38 9.42
N GLU B 15 -10.49 -6.16 8.60
CA GLU B 15 -9.11 -6.45 8.96
C GLU B 15 -8.39 -5.16 9.32
N PHE B 16 -7.92 -5.05 10.55
CA PHE B 16 -7.26 -3.83 11.03
C PHE B 16 -6.11 -4.12 12.01
N GLU B 17 -5.40 -5.21 11.76
CA GLU B 17 -4.32 -5.66 12.65
C GLU B 17 -3.11 -4.72 12.69
N LYS B 18 -2.88 -3.99 11.61
CA LYS B 18 -1.71 -3.11 11.52
C LYS B 18 -1.86 -1.82 12.34
N MET B 19 -3.08 -1.50 12.74
CA MET B 19 -3.35 -0.28 13.49
C MET B 19 -2.82 -0.33 14.91
N TYR B 20 -2.70 -1.54 15.47
CA TYR B 20 -2.14 -1.74 16.81
C TYR B 20 -0.66 -1.34 16.84
N GLU B 21 -0.28 -0.56 17.86
CA GLU B 21 1.08 -0.01 18.00
C GLU B 21 1.53 0.85 16.83
N ASN B 22 0.59 1.37 16.06
CA ASN B 22 0.92 2.20 14.91
C ASN B 22 0.41 3.63 15.10
N ASP B 23 0.93 4.53 14.27
CA ASP B 23 0.54 5.94 14.29
C ASP B 23 -0.55 6.20 13.27
N PHE B 24 -1.22 7.33 13.42
CA PHE B 24 -2.19 7.76 12.42
C PHE B 24 -1.78 9.15 11.92
N PHE B 25 -1.18 9.20 10.73
CA PHE B 25 -0.74 10.46 10.14
C PHE B 25 -1.72 10.99 9.09
N LEU B 26 -1.78 10.29 7.95
CA LEU B 26 -2.61 10.70 6.83
C LEU B 26 -3.62 9.59 6.55
N THR B 27 -4.89 9.96 6.33
CA THR B 27 -5.94 8.95 6.09
C THR B 27 -5.62 8.03 4.89
N TRP B 28 -4.96 8.57 3.87
CA TRP B 28 -4.66 7.76 2.67
C TRP B 28 -3.47 6.81 2.86
N GLU B 29 -2.90 6.78 4.06
CA GLU B 29 -1.89 5.77 4.40
C GLU B 29 -2.54 4.56 5.08
N LYS B 30 -3.85 4.65 5.33
CA LYS B 30 -4.60 3.57 5.95
C LYS B 30 -5.46 2.88 4.89
N THR B 31 -5.91 1.65 5.16
CA THR B 31 -6.77 0.93 4.22
C THR B 31 -8.23 1.33 4.43
N ARG B 32 -9.08 0.90 3.51
CA ARG B 32 -10.52 1.17 3.59
C ARG B 32 -11.10 0.50 4.84
N ASP B 33 -10.64 -0.72 5.10
CA ASP B 33 -11.02 -1.47 6.29
C ASP B 33 -10.58 -0.77 7.56
N GLU B 34 -9.38 -0.21 7.55
CA GLU B 34 -8.84 0.48 8.72
C GLU B 34 -9.66 1.73 9.06
N LEU B 35 -10.08 2.47 8.05
CA LEU B 35 -10.89 3.68 8.24
C LEU B 35 -12.27 3.34 8.78
N GLU B 36 -12.85 2.25 8.29
CA GLU B 36 -14.17 1.81 8.75
C GLU B 36 -14.12 1.28 10.17
N ALA B 37 -12.96 0.77 10.57
CA ALA B 37 -12.71 0.40 11.96
C ALA B 37 -12.78 1.63 12.87
N VAL B 38 -12.18 2.73 12.43
CA VAL B 38 -12.25 3.99 13.19
C VAL B 38 -13.68 4.51 13.28
N PHE B 39 -14.45 4.40 12.19
CA PHE B 39 -15.86 4.78 12.22
C PHE B 39 -16.69 3.93 13.19
N THR B 40 -16.44 2.62 13.19
CA THR B 40 -17.22 1.69 14.01
C THR B 40 -16.83 1.79 15.48
N VAL B 41 -15.54 1.92 15.76
CA VAL B 41 -15.10 2.11 17.15
C VAL B 41 -15.65 3.43 17.70
N ALA B 42 -15.55 4.49 16.90
CA ALA B 42 -16.06 5.82 17.29
C ALA B 42 -17.54 5.81 17.63
N ASP B 43 -18.30 5.00 16.93
CA ASP B 43 -19.73 4.86 17.20
C ASP B 43 -19.98 4.02 18.44
N THR B 44 -19.23 2.93 18.60
CA THR B 44 -19.37 2.07 19.78
C THR B 44 -19.10 2.87 21.06
N LEU B 45 -18.03 3.66 21.06
CA LEU B 45 -17.71 4.51 22.20
C LEU B 45 -18.85 5.50 22.50
N ARG B 46 -19.46 6.05 21.45
CA ARG B 46 -20.63 6.91 21.63
C ARG B 46 -21.80 6.13 22.26
N TYR B 47 -22.07 4.95 21.72
CA TYR B 47 -23.15 4.08 22.22
C TYR B 47 -22.99 3.79 23.72
N LEU B 48 -21.79 3.37 24.12
CA LEU B 48 -21.53 3.06 25.53
C LEU B 48 -21.68 4.30 26.45
N ARG B 49 -21.10 5.43 26.06
CA ARG B 49 -21.24 6.66 26.85
C ARG B 49 -22.71 7.11 26.91
N GLU B 50 -23.43 6.95 25.79
CA GLU B 50 -24.87 7.24 25.75
C GLU B 50 -25.68 6.38 26.73
N ASN B 51 -25.20 5.17 27.03
CA ASN B 51 -25.87 4.28 27.99
C ASN B 51 -25.18 4.28 29.37
N ASN B 52 -24.50 5.38 29.70
CA ASN B 52 -23.82 5.58 30.99
C ASN B 52 -22.72 4.57 31.29
N ILE B 53 -22.10 4.02 30.25
CA ILE B 53 -21.03 3.04 30.45
C ILE B 53 -19.65 3.69 30.23
N SER B 54 -18.79 3.59 31.24
CA SER B 54 -17.43 4.11 31.17
C SER B 54 -16.54 3.24 30.30
N THR B 55 -15.60 3.86 29.60
CA THR B 55 -14.73 3.16 28.68
C THR B 55 -13.27 3.47 28.99
N LYS B 56 -12.95 3.55 30.28
CA LYS B 56 -11.57 3.73 30.75
C LYS B 56 -10.80 2.45 30.51
N ILE B 57 -9.69 2.53 29.78
CA ILE B 57 -8.79 1.38 29.59
C ILE B 57 -7.41 1.58 30.21
N PHE B 58 -7.15 2.77 30.75
CA PHE B 58 -5.89 3.08 31.42
C PHE B 58 -6.14 3.53 32.87
N ASP B 59 -5.52 2.83 33.82
CA ASP B 59 -5.61 3.20 35.24
C ASP B 59 -4.66 4.36 35.59
N SER B 60 -3.55 4.43 34.87
CA SER B 60 -2.68 5.61 34.91
C SER B 60 -1.92 5.72 33.59
N GLY B 61 -1.26 6.86 33.39
CA GLY B 61 -0.50 7.14 32.18
C GLY B 61 -0.88 8.49 31.59
N LEU B 62 0.06 9.12 30.90
CA LEU B 62 -0.15 10.44 30.32
C LEU B 62 -0.41 10.39 28.81
N GLY B 63 -1.22 11.34 28.35
CA GLY B 63 -1.31 11.66 26.92
C GLY B 63 -0.67 13.02 26.68
N ILE B 64 0.39 13.06 25.89
CA ILE B 64 1.13 14.31 25.68
C ILE B 64 0.49 15.14 24.56
N SER B 65 0.29 16.43 24.82
CA SER B 65 -0.29 17.35 23.84
C SER B 65 0.76 18.36 23.39
N LEU B 66 1.13 18.27 22.12
CA LEU B 66 2.25 19.03 21.58
C LEU B 66 1.76 20.06 20.55
N PHE B 67 1.71 21.33 20.97
CA PHE B 67 1.32 22.44 20.08
C PHE B 67 2.54 23.13 19.52
N ARG B 68 2.40 23.64 18.30
CA ARG B 68 3.34 24.60 17.71
C ARG B 68 2.54 25.75 17.10
N ASP B 69 1.45 26.09 17.78
CA ASP B 69 0.44 27.03 17.30
C ASP B 69 -0.76 27.04 18.27
N ASN B 70 -1.39 28.20 18.43
CA ASN B 70 -2.42 28.42 19.47
C ASN B 70 -3.87 28.19 18.99
N SER B 71 -4.54 27.20 19.59
CA SER B 71 -5.97 26.94 19.34
C SER B 71 -6.59 26.11 20.47
N THR B 72 -7.92 26.09 20.56
CA THR B 72 -8.60 25.41 21.69
C THR B 72 -9.78 24.49 21.33
N ARG B 73 -10.08 24.35 20.04
CA ARG B 73 -11.12 23.42 19.58
C ARG B 73 -10.59 21.99 19.55
N THR B 74 -9.47 21.82 18.86
CA THR B 74 -8.73 20.55 18.89
C THR B 74 -8.16 20.26 20.28
N ARG B 75 -7.89 21.31 21.05
CA ARG B 75 -7.32 21.17 22.39
C ARG B 75 -8.26 20.38 23.32
N PHE B 76 -9.52 20.84 23.41
CA PHE B 76 -10.53 20.18 24.25
C PHE B 76 -10.97 18.86 23.67
N SER B 77 -10.89 18.75 22.35
CA SER B 77 -11.18 17.49 21.68
C SER B 77 -10.19 16.40 22.10
N PHE B 78 -8.89 16.72 22.13
CA PHE B 78 -7.88 15.73 22.52
C PHE B 78 -7.97 15.40 24.01
N ALA B 79 -8.12 16.42 24.85
CA ALA B 79 -8.28 16.24 26.30
C ALA B 79 -9.52 15.42 26.63
N SER B 80 -10.64 15.71 25.95
CA SER B 80 -11.86 14.88 26.08
C SER B 80 -11.59 13.41 25.78
N ALA B 81 -10.97 13.15 24.63
CA ALA B 81 -10.66 11.79 24.20
C ALA B 81 -9.76 11.07 25.20
N CYS B 82 -8.69 11.75 25.64
CA CYS B 82 -7.79 11.19 26.61
C CYS B 82 -8.52 10.83 27.89
N ASN B 83 -9.29 11.78 28.40
CA ASN B 83 -10.04 11.58 29.66
C ASN B 83 -11.09 10.46 29.57
N LEU B 84 -11.66 10.27 28.38
CA LEU B 84 -12.66 9.22 28.14
C LEU B 84 -12.05 7.84 28.37
N LEU B 85 -10.77 7.72 28.03
CA LEU B 85 -10.05 6.43 28.06
C LEU B 85 -9.25 6.21 29.36
N GLY B 86 -9.11 7.26 30.17
CA GLY B 86 -8.39 7.17 31.44
C GLY B 86 -7.03 7.84 31.43
N LEU B 87 -6.64 8.42 30.29
CA LEU B 87 -5.35 9.13 30.19
C LEU B 87 -5.51 10.57 30.63
N GLU B 88 -4.49 11.07 31.32
CA GLU B 88 -4.43 12.46 31.76
C GLU B 88 -3.53 13.24 30.83
N VAL B 89 -4.04 14.33 30.27
CA VAL B 89 -3.30 15.15 29.32
C VAL B 89 -2.36 16.12 30.05
N GLN B 90 -1.14 16.23 29.53
CA GLN B 90 -0.19 17.25 29.97
C GLN B 90 0.30 17.97 28.71
N ASP B 91 0.19 19.29 28.70
CA ASP B 91 0.57 20.09 27.54
C ASP B 91 2.08 20.37 27.54
N LEU B 92 2.65 20.60 26.35
CA LEU B 92 4.07 20.97 26.24
C LEU B 92 4.22 22.22 25.38
N GLU B 103 19.96 16.36 17.48
CA GLU B 103 18.89 15.48 17.92
C GLU B 103 18.11 16.09 19.09
N THR B 104 17.75 17.37 18.95
CA THR B 104 16.97 18.07 19.98
C THR B 104 15.50 17.64 19.98
N VAL B 105 15.00 17.13 18.86
CA VAL B 105 13.64 16.59 18.78
C VAL B 105 13.61 15.18 19.35
N ARG B 106 14.64 14.40 19.05
CA ARG B 106 14.77 13.04 19.56
C ARG B 106 14.88 13.02 21.09
N GLU B 107 15.64 13.96 21.64
CA GLU B 107 15.81 14.04 23.08
C GLU B 107 14.49 14.42 23.76
N THR B 108 13.80 15.42 23.23
CA THR B 108 12.50 15.84 23.77
C THR B 108 11.45 14.74 23.63
N ALA B 109 11.48 14.00 22.53
CA ALA B 109 10.52 12.90 22.32
C ALA B 109 10.66 11.83 23.39
N ASN B 110 11.91 11.45 23.68
CA ASN B 110 12.19 10.42 24.69
C ASN B 110 11.94 10.89 26.13
N MET B 111 12.30 12.13 26.45
CA MET B 111 12.19 12.62 27.83
C MET B 111 10.75 12.73 28.34
N ILE B 112 9.82 13.12 27.47
CA ILE B 112 8.40 13.23 27.85
C ILE B 112 7.64 11.90 27.84
N SER B 113 8.23 10.87 27.26
CA SER B 113 7.52 9.62 26.98
C SER B 113 7.61 8.53 28.05
N PHE B 114 8.46 8.70 29.06
CA PHE B 114 8.68 7.65 30.06
C PHE B 114 7.38 7.09 30.62
N MET B 115 6.39 7.95 30.82
CA MET B 115 5.09 7.46 31.28
C MET B 115 3.95 8.01 30.42
N ALA B 116 4.17 7.99 29.10
CA ALA B 116 3.18 8.44 28.12
C ALA B 116 2.84 7.30 27.17
N ASP B 117 1.55 7.17 26.84
CA ASP B 117 1.07 6.16 25.90
C ASP B 117 0.66 6.76 24.57
N ILE B 118 0.25 8.03 24.61
CA ILE B 118 -0.15 8.75 23.41
C ILE B 118 0.58 10.10 23.32
N ILE B 119 0.88 10.51 22.09
CA ILE B 119 1.37 11.84 21.81
C ILE B 119 0.50 12.43 20.70
N GLY B 120 -0.15 13.56 20.99
CA GLY B 120 -0.93 14.29 20.01
C GLY B 120 -0.17 15.52 19.56
N ILE B 121 -0.12 15.76 18.25
CA ILE B 121 0.68 16.84 17.70
C ILE B 121 -0.10 17.68 16.67
N ARG B 122 -0.16 18.99 16.91
CA ARG B 122 -0.67 19.95 15.94
C ARG B 122 0.51 20.79 15.47
N ASP B 123 0.68 20.87 14.15
CA ASP B 123 1.73 21.68 13.55
C ASP B 123 1.44 21.88 12.06
N ASP B 124 0.79 22.99 11.70
CA ASP B 124 0.29 23.20 10.34
C ASP B 124 0.76 24.46 9.60
N MET B 125 1.46 25.35 10.29
CA MET B 125 1.82 26.65 9.71
C MET B 125 2.73 26.53 8.46
N TYR B 126 3.59 25.52 8.43
CA TYR B 126 4.69 25.47 7.47
C TYR B 126 4.78 24.17 6.63
N ILE B 127 4.62 24.32 5.32
CA ILE B 127 4.71 23.24 4.33
C ILE B 127 6.01 22.41 4.44
N GLY B 128 5.86 21.11 4.64
CA GLY B 128 6.99 20.20 4.77
C GLY B 128 7.38 19.92 6.22
N LYS B 129 7.39 20.95 7.04
CA LYS B 129 7.86 20.86 8.41
C LYS B 129 7.01 19.95 9.30
N GLY B 130 5.69 20.09 9.23
CA GLY B 130 4.75 19.41 10.12
C GLY B 130 4.83 17.89 10.11
N ASN B 131 4.43 17.31 8.98
CA ASN B 131 4.46 15.86 8.79
C ASN B 131 5.82 15.23 9.11
N ALA B 132 6.90 15.91 8.69
CA ALA B 132 8.26 15.42 8.88
C ALA B 132 8.65 15.40 10.36
N TYR B 133 8.26 16.44 11.09
CA TYR B 133 8.54 16.51 12.52
C TYR B 133 7.86 15.35 13.27
N MET B 134 6.65 14.99 12.84
CA MET B 134 5.92 13.87 13.44
C MET B 134 6.61 12.54 13.21
N HIS B 135 7.11 12.32 12.00
CA HIS B 135 7.87 11.11 11.68
C HIS B 135 9.12 11.01 12.54
N GLU B 136 9.80 12.13 12.78
CA GLU B 136 11.00 12.11 13.60
C GLU B 136 10.64 11.74 15.04
N VAL B 137 9.55 12.29 15.57
CA VAL B 137 9.10 11.96 16.93
C VAL B 137 8.83 10.46 17.06
N SER B 138 8.10 9.90 16.10
CA SER B 138 7.75 8.47 16.13
C SER B 138 8.96 7.55 16.09
N GLU B 139 9.87 7.82 15.16
CA GLU B 139 11.10 7.04 15.01
C GLU B 139 11.95 7.04 16.28
N SER B 140 12.12 8.21 16.89
CA SER B 140 12.83 8.33 18.17
C SER B 140 12.15 7.49 19.26
N VAL B 141 10.83 7.60 19.29
CA VAL B 141 10.01 6.87 20.26
C VAL B 141 10.02 5.35 20.01
N GLN B 142 10.13 4.93 18.75
CA GLN B 142 10.31 3.51 18.42
C GLN B 142 11.71 3.04 18.82
N GLU B 143 12.72 3.83 18.48
CA GLU B 143 14.12 3.52 18.83
C GLU B 143 14.30 3.44 20.34
N GLY B 144 13.63 4.35 21.07
CA GLY B 144 13.68 4.38 22.53
C GLY B 144 13.07 3.13 23.15
N TYR B 145 11.94 2.72 22.61
CA TYR B 145 11.30 1.49 23.04
C TYR B 145 12.22 0.28 22.75
N LYS B 146 12.76 0.21 21.54
CA LYS B 146 13.63 -0.89 21.15
C LYS B 146 14.85 -1.02 22.07
N ASP B 147 15.40 0.10 22.48
CA ASP B 147 16.62 0.12 23.30
C ASP B 147 16.38 -0.03 24.81
N GLY B 148 15.12 -0.12 25.24
CA GLY B 148 14.79 -0.24 26.65
C GLY B 148 14.93 1.06 27.45
N VAL B 149 14.84 2.20 26.76
CA VAL B 149 14.77 3.49 27.42
C VAL B 149 13.34 3.76 27.89
N LEU B 150 12.38 3.34 27.05
CA LEU B 150 10.96 3.51 27.32
C LEU B 150 10.32 2.14 27.54
N GLU B 151 9.42 2.06 28.50
CA GLU B 151 8.76 0.80 28.85
C GLU B 151 7.64 0.45 27.86
N GLN B 152 7.20 1.45 27.10
CA GLN B 152 6.16 1.25 26.08
C GLN B 152 6.48 2.09 24.85
N ARG B 153 5.79 1.78 23.76
CA ARG B 153 5.90 2.56 22.51
C ARG B 153 4.72 3.52 22.44
N PRO B 154 4.96 4.82 22.67
CA PRO B 154 3.84 5.76 22.54
C PRO B 154 3.43 5.94 21.09
N THR B 155 2.14 5.86 20.82
CA THR B 155 1.62 6.00 19.46
C THR B 155 1.16 7.42 19.22
N LEU B 156 1.33 7.91 18.00
CA LEU B 156 1.06 9.30 17.66
C LEU B 156 -0.27 9.48 16.92
N VAL B 157 -0.91 10.62 17.14
CA VAL B 157 -2.11 11.01 16.42
C VAL B 157 -1.93 12.41 15.85
N ASN B 158 -2.02 12.51 14.53
CA ASN B 158 -1.95 13.79 13.82
C ASN B 158 -3.16 14.69 14.11
N LEU B 159 -3.01 15.62 15.05
CA LEU B 159 -4.10 16.55 15.39
C LEU B 159 -4.28 17.66 14.35
N GLN B 160 -3.26 17.89 13.54
CA GLN B 160 -3.34 18.65 12.28
C GLN B 160 -1.93 18.98 11.79
N CYS B 161 -1.69 18.76 10.51
CA CYS B 161 -0.42 19.15 9.90
C CYS B 161 -0.69 19.97 8.65
N ASP B 162 0.38 20.28 7.91
CA ASP B 162 0.27 21.01 6.64
C ASP B 162 -0.43 20.21 5.54
N ILE B 163 -0.33 18.88 5.61
CA ILE B 163 -0.84 17.99 4.55
C ILE B 163 -2.29 17.57 4.76
N ASP B 164 -2.61 17.14 5.98
CA ASP B 164 -3.91 16.52 6.28
C ASP B 164 -4.41 16.92 7.68
N HIS B 165 -5.70 16.74 7.90
CA HIS B 165 -6.36 16.98 9.17
C HIS B 165 -7.28 15.80 9.42
N PRO B 166 -6.71 14.61 9.63
CA PRO B 166 -7.45 13.35 9.64
C PRO B 166 -8.58 13.28 10.68
N THR B 167 -8.37 13.84 11.85
CA THR B 167 -9.41 13.83 12.87
C THR B 167 -10.63 14.64 12.39
N GLN B 168 -10.37 15.72 11.67
CA GLN B 168 -11.45 16.56 11.14
C GLN B 168 -12.16 15.87 9.98
N ALA B 169 -11.38 15.35 9.03
CA ALA B 169 -11.92 14.67 7.86
C ALA B 169 -12.76 13.45 8.23
N MET B 170 -12.25 12.61 9.12
CA MET B 170 -12.93 11.39 9.53
C MET B 170 -14.20 11.70 10.31
N ALA B 171 -14.13 12.70 11.20
CA ALA B 171 -15.30 13.17 11.93
C ALA B 171 -16.36 13.70 10.98
N ASP B 172 -15.93 14.36 9.90
CA ASP B 172 -16.84 14.87 8.87
C ASP B 172 -17.42 13.76 7.98
N ALA B 173 -16.64 12.71 7.69
CA ALA B 173 -17.18 11.59 6.91
C ALA B 173 -18.10 10.76 7.80
N LEU B 174 -17.79 10.67 9.09
CA LEU B 174 -18.67 9.94 10.02
C LEU B 174 -20.02 10.64 10.13
N HIS B 175 -20.00 11.97 10.12
CA HIS B 175 -21.21 12.79 10.07
C HIS B 175 -22.02 12.47 8.81
N LEU B 176 -21.32 12.38 7.68
CA LEU B 176 -21.97 12.04 6.41
C LEU B 176 -22.57 10.64 6.44
N ILE B 177 -21.86 9.68 7.02
CA ILE B 177 -22.36 8.31 7.17
C ILE B 177 -23.68 8.25 7.94
N HIS B 178 -23.81 9.05 8.99
CA HIS B 178 -25.01 9.02 9.81
C HIS B 178 -26.19 9.80 9.22
N GLU B 179 -25.91 10.87 8.49
CA GLU B 179 -26.97 11.65 7.83
C GLU B 179 -27.52 11.00 6.57
N PHE B 180 -26.81 10.03 6.01
CA PHE B 180 -27.28 9.35 4.80
C PHE B 180 -27.51 7.85 5.01
N GLY B 181 -27.59 7.44 6.27
CA GLY B 181 -28.04 6.09 6.63
C GLY B 181 -27.09 4.93 6.37
N GLY B 182 -25.79 5.22 6.30
CA GLY B 182 -24.78 4.19 6.08
C GLY B 182 -23.72 4.62 5.08
N ILE B 183 -22.60 3.92 5.08
CA ILE B 183 -21.46 4.30 4.25
C ILE B 183 -21.72 4.00 2.76
N GLU B 184 -22.45 2.94 2.46
CA GLU B 184 -22.72 2.57 1.06
C GLU B 184 -23.65 3.58 0.36
N ASN B 185 -24.54 4.23 1.12
CA ASN B 185 -25.38 5.30 0.56
C ASN B 185 -24.59 6.56 0.15
N LEU B 186 -23.34 6.69 0.60
CA LEU B 186 -22.46 7.77 0.16
C LEU B 186 -22.05 7.62 -1.31
N LYS B 187 -22.09 6.40 -1.85
CA LYS B 187 -21.71 6.16 -3.25
C LYS B 187 -22.58 6.96 -4.22
N GLY B 188 -21.95 7.66 -5.15
CA GLY B 188 -22.65 8.46 -6.14
C GLY B 188 -22.94 9.89 -5.69
N LYS B 189 -22.97 10.12 -4.38
CA LYS B 189 -23.27 11.46 -3.84
C LYS B 189 -22.24 12.44 -4.34
N LYS B 190 -22.67 13.68 -4.57
CA LYS B 190 -21.79 14.75 -5.05
C LYS B 190 -21.40 15.66 -3.90
N VAL B 191 -20.12 15.64 -3.51
CA VAL B 191 -19.62 16.56 -2.50
C VAL B 191 -18.94 17.72 -3.21
N ALA B 192 -19.29 18.94 -2.83
CA ALA B 192 -18.65 20.14 -3.35
C ALA B 192 -17.70 20.71 -2.27
N MET B 193 -16.41 20.45 -2.43
CA MET B 193 -15.39 21.08 -1.58
C MET B 193 -14.94 22.38 -2.26
N THR B 194 -15.58 23.49 -1.89
CA THR B 194 -15.29 24.77 -2.53
C THR B 194 -14.52 25.73 -1.64
N TRP B 195 -13.87 26.69 -2.29
CA TRP B 195 -13.27 27.84 -1.64
C TRP B 195 -14.39 28.80 -1.24
N ALA B 196 -14.07 29.74 -0.35
CA ALA B 196 -15.00 30.82 0.04
C ALA B 196 -14.16 31.96 0.60
N TYR B 197 -14.68 33.19 0.56
CA TYR B 197 -13.92 34.36 1.00
C TYR B 197 -13.85 34.42 2.52
N SER B 198 -12.68 34.77 3.04
CA SER B 198 -12.47 35.04 4.45
C SER B 198 -11.60 36.29 4.58
N PRO B 199 -11.92 37.17 5.54
CA PRO B 199 -11.05 38.33 5.77
C PRO B 199 -9.75 37.99 6.51
N SER B 200 -9.69 36.78 7.08
CA SER B 200 -8.48 36.30 7.74
C SER B 200 -7.28 36.30 6.80
N TYR B 201 -6.09 36.49 7.37
CA TYR B 201 -4.81 36.52 6.63
C TYR B 201 -4.67 35.36 5.63
N GLY B 202 -4.41 34.16 6.12
CA GLY B 202 -4.18 33.01 5.25
C GLY B 202 -4.29 31.72 6.04
N LYS B 203 -5.17 30.83 5.57
CA LYS B 203 -5.49 29.60 6.30
C LYS B 203 -4.87 28.37 5.63
N PRO B 204 -4.68 27.28 6.40
CA PRO B 204 -4.04 26.08 5.87
C PRO B 204 -4.95 25.27 4.94
N LEU B 205 -4.32 24.45 4.10
CA LEU B 205 -5.04 23.65 3.12
C LEU B 205 -5.36 22.23 3.62
N SER B 206 -5.03 21.95 4.88
CA SER B 206 -5.16 20.59 5.41
C SER B 206 -6.61 20.11 5.48
N VAL B 207 -7.56 21.02 5.64
CA VAL B 207 -8.97 20.66 5.63
C VAL B 207 -9.47 20.29 4.23
N PRO B 208 -9.30 21.21 3.25
CA PRO B 208 -9.68 20.88 1.86
C PRO B 208 -8.97 19.64 1.34
N GLN B 209 -7.67 19.57 1.57
CA GLN B 209 -6.87 18.44 1.14
C GLN B 209 -7.38 17.16 1.79
N GLY B 210 -7.69 17.24 3.08
CA GLY B 210 -8.21 16.10 3.83
C GLY B 210 -9.56 15.62 3.34
N ILE B 211 -10.47 16.55 3.03
CA ILE B 211 -11.77 16.17 2.51
C ILE B 211 -11.63 15.50 1.14
N VAL B 212 -10.91 16.16 0.24
CA VAL B 212 -10.61 15.61 -1.08
C VAL B 212 -9.94 14.24 -0.98
N GLY B 213 -9.02 14.09 -0.03
CA GLY B 213 -8.29 12.84 0.13
C GLY B 213 -9.11 11.70 0.69
N LEU B 214 -10.00 11.99 1.63
CA LEU B 214 -10.85 10.98 2.27
C LEU B 214 -12.11 10.70 1.45
N MET B 215 -12.81 11.73 1.01
CA MET B 215 -14.10 11.53 0.35
C MET B 215 -13.98 10.69 -0.91
N THR B 216 -12.86 10.81 -1.62
CA THR B 216 -12.58 9.98 -2.79
C THR B 216 -12.34 8.49 -2.46
N ARG B 217 -12.14 8.18 -1.19
CA ARG B 217 -12.09 6.79 -0.73
C ARG B 217 -13.48 6.18 -0.58
N LEU B 218 -14.48 7.04 -0.35
CA LEU B 218 -15.81 6.59 0.01
C LEU B 218 -16.78 6.51 -1.19
N GLY B 219 -16.22 6.43 -2.41
CA GLY B 219 -17.02 6.25 -3.63
C GLY B 219 -17.86 7.44 -4.05
N MET B 220 -17.54 8.63 -3.55
CA MET B 220 -18.34 9.83 -3.79
C MET B 220 -17.88 10.54 -5.07
N ASP B 221 -18.70 11.51 -5.52
CA ASP B 221 -18.39 12.34 -6.67
C ASP B 221 -17.89 13.69 -6.13
N VAL B 222 -16.56 13.80 -5.98
CA VAL B 222 -15.96 14.95 -5.32
C VAL B 222 -15.61 16.00 -6.35
N VAL B 223 -15.94 17.25 -6.05
CA VAL B 223 -15.60 18.37 -6.93
C VAL B 223 -14.86 19.42 -6.13
N LEU B 224 -13.64 19.75 -6.60
CA LEU B 224 -12.82 20.77 -5.98
C LEU B 224 -12.99 22.04 -6.80
N ALA B 225 -13.47 23.10 -6.17
CA ALA B 225 -13.72 24.37 -6.83
C ALA B 225 -13.01 25.50 -6.07
N HIS B 226 -12.24 26.29 -6.80
CA HIS B 226 -11.56 27.44 -6.21
C HIS B 226 -11.18 28.42 -7.31
N PRO B 227 -11.04 29.71 -6.95
CA PRO B 227 -10.61 30.65 -7.97
C PRO B 227 -9.23 30.30 -8.51
N GLU B 228 -8.88 30.90 -9.64
CA GLU B 228 -7.61 30.61 -10.30
C GLU B 228 -6.43 31.06 -9.43
N GLY B 229 -5.49 30.15 -9.20
CA GLY B 229 -4.30 30.45 -8.39
C GLY B 229 -4.39 29.97 -6.96
N TYR B 230 -5.40 29.17 -6.64
CA TYR B 230 -5.58 28.62 -5.30
C TYR B 230 -5.41 27.11 -5.31
N GLU B 231 -4.48 26.64 -6.14
CA GLU B 231 -4.23 25.21 -6.30
C GLU B 231 -3.79 24.60 -4.97
N ILE B 232 -4.37 23.46 -4.62
CA ILE B 232 -3.93 22.71 -3.45
C ILE B 232 -2.61 21.99 -3.76
N MET B 233 -2.07 21.27 -2.77
CA MET B 233 -0.85 20.49 -2.95
C MET B 233 -1.07 19.44 -4.05
N PRO B 234 -0.29 19.52 -5.16
CA PRO B 234 -0.46 18.58 -6.29
C PRO B 234 -0.48 17.10 -5.88
N GLU B 235 0.29 16.76 -4.84
CA GLU B 235 0.43 15.39 -4.39
C GLU B 235 -0.84 14.87 -3.69
N VAL B 236 -1.70 15.79 -3.26
CA VAL B 236 -3.02 15.45 -2.71
C VAL B 236 -4.04 15.33 -3.84
N GLU B 237 -3.94 16.20 -4.85
CA GLU B 237 -4.73 16.01 -6.07
C GLU B 237 -4.47 14.62 -6.63
N GLU B 238 -3.19 14.25 -6.72
CA GLU B 238 -2.81 12.95 -7.26
C GLU B 238 -3.41 11.79 -6.49
N VAL B 239 -3.45 11.92 -5.16
CA VAL B 239 -4.06 10.89 -4.30
C VAL B 239 -5.56 10.75 -4.55
N ALA B 240 -6.22 11.85 -4.88
CA ALA B 240 -7.67 11.86 -5.09
C ALA B 240 -8.08 11.18 -6.40
N LYS B 241 -7.37 11.49 -7.49
CA LYS B 241 -7.67 10.89 -8.78
C LYS B 241 -7.44 9.39 -8.72
N LYS B 242 -6.31 9.01 -8.13
CA LYS B 242 -5.94 7.63 -7.91
C LYS B 242 -6.98 6.90 -7.05
N ASN B 243 -7.47 7.57 -6.01
CA ASN B 243 -8.54 7.02 -5.18
C ASN B 243 -9.80 6.79 -6.01
N ALA B 244 -10.24 7.84 -6.68
CA ALA B 244 -11.43 7.79 -7.53
C ALA B 244 -11.32 6.75 -8.65
N ALA B 245 -10.16 6.68 -9.30
CA ALA B 245 -9.94 5.74 -10.38
C ALA B 245 -9.97 4.29 -9.90
N GLU B 246 -9.48 4.04 -8.69
CA GLU B 246 -9.25 2.68 -8.19
C GLU B 246 -10.37 2.16 -7.28
N PHE B 247 -10.98 3.03 -6.47
CA PHE B 247 -12.06 2.62 -5.56
C PHE B 247 -13.47 3.00 -6.05
N GLY B 248 -13.55 3.73 -7.16
CA GLY B 248 -14.84 4.16 -7.73
C GLY B 248 -15.15 5.63 -7.48
N GLY B 249 -16.25 6.11 -8.04
CA GLY B 249 -16.64 7.52 -7.91
C GLY B 249 -15.87 8.42 -8.88
N ASN B 250 -15.65 9.67 -8.47
CA ASN B 250 -15.03 10.68 -9.33
C ASN B 250 -14.33 11.78 -8.56
N PHE B 251 -13.41 12.45 -9.25
CA PHE B 251 -12.78 13.67 -8.75
C PHE B 251 -12.59 14.63 -9.92
N THR B 252 -13.20 15.81 -9.83
CA THR B 252 -13.12 16.82 -10.86
C THR B 252 -12.64 18.13 -10.25
N LYS B 253 -11.88 18.90 -11.02
CA LYS B 253 -11.42 20.23 -10.62
C LYS B 253 -12.12 21.28 -11.48
N THR B 254 -12.40 22.44 -10.90
CA THR B 254 -13.12 23.53 -11.58
C THR B 254 -12.77 24.90 -10.97
N ASN B 255 -13.01 25.96 -11.74
CA ASN B 255 -12.84 27.33 -11.27
C ASN B 255 -14.19 28.07 -11.16
N SER B 256 -15.28 27.32 -11.10
CA SER B 256 -16.63 27.88 -11.00
C SER B 256 -17.31 27.34 -9.75
N MET B 257 -17.82 28.24 -8.91
CA MET B 257 -18.49 27.85 -7.68
C MET B 257 -19.89 27.31 -7.99
N ALA B 258 -20.60 27.99 -8.89
CA ALA B 258 -21.94 27.58 -9.29
C ALA B 258 -21.93 26.18 -9.86
N GLU B 259 -20.95 25.89 -10.71
CA GLU B 259 -20.82 24.59 -11.39
C GLU B 259 -20.69 23.45 -10.38
N ALA B 260 -19.95 23.70 -9.30
CA ALA B 260 -19.75 22.73 -8.23
C ALA B 260 -20.99 22.58 -7.32
N PHE B 261 -21.67 23.69 -7.07
CA PHE B 261 -22.88 23.68 -6.23
C PHE B 261 -24.07 23.00 -6.92
N LYS B 262 -24.21 23.19 -8.22
CA LYS B 262 -25.36 22.69 -8.96
C LYS B 262 -25.56 21.18 -8.78
N ASP B 263 -26.76 20.81 -8.33
CA ASP B 263 -27.17 19.40 -8.09
C ASP B 263 -26.33 18.69 -7.01
N ALA B 264 -25.69 19.46 -6.15
CA ALA B 264 -24.83 18.89 -5.11
C ALA B 264 -25.65 18.33 -3.95
N ASP B 265 -25.26 17.16 -3.45
CA ASP B 265 -25.89 16.54 -2.28
C ASP B 265 -25.25 17.06 -0.98
N VAL B 266 -24.00 17.48 -1.07
CA VAL B 266 -23.25 18.00 0.07
C VAL B 266 -22.35 19.14 -0.38
N VAL B 267 -22.20 20.13 0.49
CA VAL B 267 -21.39 21.30 0.18
C VAL B 267 -20.45 21.63 1.37
N TYR B 268 -19.23 22.05 1.07
CA TYR B 268 -18.21 22.32 2.09
C TYR B 268 -17.37 23.53 1.65
N PRO B 269 -17.87 24.76 1.92
CA PRO B 269 -17.18 25.97 1.49
C PRO B 269 -16.36 26.65 2.58
N LYS B 270 -15.03 26.55 2.48
CA LYS B 270 -14.10 27.13 3.45
C LYS B 270 -12.88 27.72 2.73
N SER B 271 -12.34 28.81 3.26
CA SER B 271 -11.19 29.48 2.64
C SER B 271 -9.85 28.78 2.94
N TRP B 272 -8.91 28.93 2.01
CA TRP B 272 -7.50 28.59 2.28
C TRP B 272 -6.55 29.50 1.53
N ALA B 273 -5.31 29.54 1.99
CA ALA B 273 -4.22 30.21 1.27
C ALA B 273 -3.76 29.28 0.15
N PRO B 274 -3.36 29.84 -1.00
CA PRO B 274 -2.79 29.00 -2.07
C PRO B 274 -1.59 28.20 -1.60
N PHE B 275 -1.42 26.99 -2.12
CA PHE B 275 -0.27 26.14 -1.77
C PHE B 275 1.03 26.88 -2.08
N ALA B 276 1.12 27.44 -3.28
CA ALA B 276 2.30 28.17 -3.71
C ALA B 276 2.70 29.25 -2.71
N ALA B 277 1.72 30.06 -2.31
CA ALA B 277 1.96 31.16 -1.37
C ALA B 277 2.40 30.65 0.00
N MET B 278 1.93 29.45 0.36
CA MET B 278 2.31 28.84 1.63
C MET B 278 3.72 28.25 1.52
N GLU B 279 4.10 27.80 0.33
CA GLU B 279 5.48 27.38 0.04
C GLU B 279 6.46 28.54 0.18
N LYS B 280 6.12 29.69 -0.42
CA LYS B 280 6.92 30.90 -0.26
C LYS B 280 7.12 31.18 1.22
N ARG B 281 6.01 31.30 1.94
CA ARG B 281 6.03 31.62 3.36
C ARG B 281 7.06 30.80 4.13
N THR B 282 7.07 29.49 3.95
CA THR B 282 7.97 28.61 4.69
C THR B 282 9.44 28.93 4.39
N GLU B 283 9.74 29.17 3.11
CA GLU B 283 11.08 29.52 2.66
C GLU B 283 11.55 30.82 3.31
N LEU B 284 10.67 31.83 3.25
CA LEU B 284 10.94 33.13 3.86
C LEU B 284 11.14 33.00 5.37
N TYR B 285 10.27 32.23 6.01
CA TYR B 285 10.35 31.98 7.45
C TYR B 285 11.67 31.30 7.83
N GLY B 286 12.10 30.34 7.01
CA GLY B 286 13.38 29.65 7.22
C GLY B 286 14.59 30.57 7.20
N ASN B 287 14.49 31.67 6.44
CA ASN B 287 15.57 32.65 6.31
C ASN B 287 15.50 33.80 7.32
N GLY B 288 14.42 33.87 8.11
CA GLY B 288 14.23 34.94 9.08
C GLY B 288 13.83 36.27 8.45
N ASP B 289 13.20 36.19 7.28
CA ASP B 289 12.76 37.38 6.53
C ASP B 289 11.31 37.72 6.91
N GLN B 290 11.15 38.42 8.05
CA GLN B 290 9.84 38.82 8.55
C GLN B 290 9.24 40.01 7.75
N ALA B 291 10.11 40.77 7.08
CA ALA B 291 9.65 41.84 6.18
C ALA B 291 8.96 41.24 4.96
N GLY B 292 9.49 40.11 4.49
CA GLY B 292 8.92 39.39 3.35
C GLY B 292 7.61 38.71 3.66
N ILE B 293 7.46 38.23 4.90
CA ILE B 293 6.21 37.62 5.35
C ILE B 293 5.09 38.66 5.39
N ASP B 294 5.34 39.77 6.06
CA ASP B 294 4.37 40.86 6.19
C ASP B 294 3.82 41.25 4.82
N GLN B 295 4.72 41.47 3.87
CA GLN B 295 4.34 41.82 2.50
C GLN B 295 3.52 40.71 1.84
N LEU B 296 4.03 39.48 1.90
CA LEU B 296 3.34 38.32 1.34
C LEU B 296 1.92 38.21 1.89
N GLU B 297 1.77 38.38 3.19
CA GLU B 297 0.45 38.37 3.84
C GLU B 297 -0.45 39.51 3.34
N GLN B 298 0.11 40.70 3.18
CA GLN B 298 -0.63 41.84 2.60
C GLN B 298 -1.07 41.58 1.16
N GLU B 299 -0.21 40.93 0.38
CA GLU B 299 -0.53 40.58 -1.01
C GLU B 299 -1.68 39.58 -1.10
N LEU B 300 -1.74 38.65 -0.14
CA LEU B 300 -2.83 37.67 -0.08
C LEU B 300 -4.19 38.32 0.19
N LEU B 301 -4.24 39.23 1.17
CA LEU B 301 -5.49 39.93 1.50
C LEU B 301 -6.11 40.55 0.26
N SER B 302 -5.30 41.30 -0.49
CA SER B 302 -5.77 41.98 -1.70
C SER B 302 -6.08 41.00 -2.83
N GLN B 303 -5.41 39.85 -2.84
CA GLN B 303 -5.72 38.82 -3.84
C GLN B 303 -7.13 38.28 -3.62
N ASN B 304 -7.38 37.75 -2.43
CA ASN B 304 -8.71 37.20 -2.11
C ASN B 304 -9.79 38.28 -1.93
N LYS B 305 -9.39 39.53 -1.75
CA LYS B 305 -10.31 40.67 -1.84
C LYS B 305 -10.98 40.70 -3.23
N LYS B 306 -10.27 40.21 -4.25
CA LYS B 306 -10.80 40.12 -5.60
C LYS B 306 -11.76 38.93 -5.81
N HIS B 307 -11.99 38.12 -4.78
CA HIS B 307 -12.88 36.96 -4.88
C HIS B 307 -13.94 36.93 -3.78
N LYS B 308 -14.43 38.11 -3.37
CA LYS B 308 -15.53 38.23 -2.41
C LYS B 308 -16.83 37.54 -2.88
N ASP B 309 -17.03 37.49 -4.19
CA ASP B 309 -18.21 36.81 -4.76
C ASP B 309 -18.32 35.34 -4.34
N TRP B 310 -17.21 34.73 -3.93
CA TRP B 310 -17.22 33.35 -3.42
C TRP B 310 -17.79 33.28 -2.01
N GLU B 311 -19.10 33.09 -1.93
CA GLU B 311 -19.85 33.09 -0.65
C GLU B 311 -21.00 32.08 -0.73
N CYS B 312 -21.12 31.20 0.26
CA CYS B 312 -22.20 30.21 0.26
C CYS B 312 -23.53 30.89 0.51
N THR B 313 -24.24 31.19 -0.57
CA THR B 313 -25.41 32.04 -0.52
C THR B 313 -26.72 31.28 -0.72
N GLU B 314 -27.80 31.87 -0.24
CA GLU B 314 -29.14 31.30 -0.38
C GLU B 314 -29.47 31.03 -1.85
N GLU B 315 -28.97 31.88 -2.75
CA GLU B 315 -29.14 31.70 -4.19
C GLU B 315 -28.39 30.46 -4.70
N LEU B 316 -27.23 30.16 -4.11
CA LEU B 316 -26.46 28.97 -4.49
C LEU B 316 -27.10 27.72 -3.88
N MET B 317 -27.46 27.80 -2.60
CA MET B 317 -28.15 26.68 -1.93
C MET B 317 -29.45 26.29 -2.64
N LYS B 318 -30.07 27.25 -3.32
CA LYS B 318 -31.25 27.00 -4.14
C LYS B 318 -30.95 26.03 -5.29
N THR B 319 -29.80 26.19 -5.94
CA THR B 319 -29.45 25.37 -7.11
C THR B 319 -29.09 23.92 -6.74
N THR B 320 -28.77 23.72 -5.46
CA THR B 320 -28.41 22.40 -4.93
C THR B 320 -29.54 21.35 -5.02
N LYS B 321 -29.18 20.07 -4.94
CA LYS B 321 -30.16 18.97 -4.92
C LYS B 321 -31.32 19.24 -3.96
N ASP B 322 -32.51 19.43 -4.53
CA ASP B 322 -33.73 19.77 -3.78
C ASP B 322 -33.65 21.10 -3.03
N GLY B 323 -32.61 21.88 -3.30
CA GLY B 323 -32.36 23.12 -2.60
C GLY B 323 -31.93 22.96 -1.15
N LYS B 324 -31.48 21.77 -0.77
CA LYS B 324 -31.15 21.51 0.63
C LYS B 324 -29.98 20.53 0.86
N ALA B 325 -28.88 20.75 0.15
CA ALA B 325 -27.67 19.95 0.34
C ALA B 325 -27.22 20.14 1.77
N LEU B 326 -26.60 19.11 2.34
CA LEU B 326 -26.06 19.21 3.67
C LEU B 326 -24.88 20.17 3.65
N TYR B 327 -25.02 21.29 4.36
CA TYR B 327 -23.96 22.29 4.48
C TYR B 327 -22.97 21.86 5.57
N MET B 328 -21.68 21.90 5.25
CA MET B 328 -20.63 21.46 6.16
C MET B 328 -19.53 22.49 6.28
N HIS B 329 -18.96 22.60 7.47
CA HIS B 329 -17.89 23.55 7.81
C HIS B 329 -17.31 23.15 9.18
N CYS B 330 -15.99 23.14 9.29
CA CYS B 330 -15.31 22.70 10.52
C CYS B 330 -15.46 23.67 11.71
N LEU B 331 -15.90 24.90 11.42
CA LEU B 331 -16.09 25.94 12.43
C LEU B 331 -14.77 26.45 13.00
N PRO B 332 -14.70 27.76 13.32
CA PRO B 332 -15.73 28.79 13.12
C PRO B 332 -15.74 29.33 11.69
N ALA B 333 -16.94 29.63 11.19
CA ALA B 333 -17.09 30.21 9.85
C ALA B 333 -17.13 31.73 9.93
N ASP B 334 -16.67 32.40 8.89
CA ASP B 334 -16.81 33.84 8.79
C ASP B 334 -18.21 34.12 8.24
N ILE B 335 -19.14 34.48 9.13
CA ILE B 335 -20.54 34.69 8.75
C ILE B 335 -20.79 36.14 8.34
N THR B 336 -21.18 36.33 7.09
CA THR B 336 -21.45 37.65 6.53
C THR B 336 -22.49 38.40 7.35
N GLY B 337 -22.16 39.63 7.75
CA GLY B 337 -23.07 40.45 8.54
C GLY B 337 -23.01 40.20 10.05
N VAL B 338 -22.54 39.02 10.45
CA VAL B 338 -22.54 38.63 11.86
C VAL B 338 -21.14 38.71 12.47
N SER B 339 -20.22 37.90 11.96
CA SER B 339 -18.84 37.84 12.47
C SER B 339 -17.91 38.76 11.70
N CYS B 340 -18.37 39.29 10.57
CA CYS B 340 -17.56 40.12 9.68
C CYS B 340 -18.50 40.85 8.72
N GLU B 341 -17.95 41.77 7.94
CA GLU B 341 -18.75 42.48 6.95
C GLU B 341 -19.12 41.52 5.83
N GLU B 342 -18.11 40.93 5.21
CA GLU B 342 -18.31 39.98 4.11
C GLU B 342 -17.57 38.67 4.43
N GLY B 343 -18.22 37.54 4.17
CA GLY B 343 -17.71 36.24 4.63
C GLY B 343 -17.95 35.03 3.75
N GLU B 344 -17.84 33.85 4.38
CA GLU B 344 -17.93 32.56 3.70
C GLU B 344 -19.36 32.10 3.44
N VAL B 345 -20.31 32.56 4.26
CA VAL B 345 -21.70 32.11 4.18
C VAL B 345 -22.67 33.22 4.61
N GLU B 346 -23.85 33.21 4.01
CA GLU B 346 -24.97 34.04 4.44
C GLU B 346 -25.46 33.58 5.81
N ALA B 347 -25.92 34.52 6.62
CA ALA B 347 -26.33 34.21 8.00
C ALA B 347 -27.51 33.24 8.07
N SER B 348 -28.50 33.44 7.20
CA SER B 348 -29.70 32.60 7.20
C SER B 348 -29.38 31.15 6.87
N VAL B 349 -28.38 30.94 6.01
CA VAL B 349 -27.92 29.61 5.68
C VAL B 349 -27.26 28.93 6.88
N PHE B 350 -26.32 29.62 7.51
CA PHE B 350 -25.63 29.06 8.68
C PHE B 350 -26.61 28.67 9.80
N ASP B 351 -27.53 29.59 10.12
CA ASP B 351 -28.52 29.35 11.18
C ASP B 351 -29.35 28.09 10.91
N ARG B 352 -29.72 27.88 9.66
CA ARG B 352 -30.55 26.73 9.27
C ARG B 352 -29.83 25.39 9.46
N TYR B 353 -28.51 25.40 9.29
CA TYR B 353 -27.71 24.18 9.44
C TYR B 353 -26.95 24.11 10.76
N ARG B 354 -27.26 25.03 11.67
CA ARG B 354 -26.49 25.16 12.91
C ARG B 354 -26.46 23.87 13.73
N VAL B 355 -27.62 23.24 13.90
CA VAL B 355 -27.71 21.99 14.64
C VAL B 355 -26.84 20.92 13.99
N GLU B 356 -26.96 20.78 12.67
CA GLU B 356 -26.17 19.79 11.94
C GLU B 356 -24.68 20.09 12.09
N LEU B 357 -24.31 21.36 11.93
CA LEU B 357 -22.92 21.80 12.06
C LEU B 357 -22.31 21.46 13.42
N TYR B 358 -23.07 21.69 14.48
CA TYR B 358 -22.63 21.37 15.85
C TYR B 358 -22.58 19.86 16.11
N LYS B 359 -23.53 19.13 15.52
CA LYS B 359 -23.55 17.67 15.65
C LYS B 359 -22.35 17.10 14.89
N GLU B 360 -22.07 17.65 13.71
CA GLU B 360 -20.86 17.32 12.94
C GLU B 360 -19.60 17.37 13.79
N ALA B 361 -19.47 18.44 14.58
CA ALA B 361 -18.29 18.64 15.41
C ALA B 361 -18.23 17.67 16.59
N SER B 362 -19.37 17.05 16.93
CA SER B 362 -19.47 16.15 18.07
C SER B 362 -18.76 14.81 17.85
N TYR B 363 -18.50 14.46 16.58
CA TYR B 363 -17.81 13.22 16.27
C TYR B 363 -16.29 13.30 16.47
N LYS B 364 -15.75 14.50 16.55
CA LYS B 364 -14.29 14.66 16.63
C LYS B 364 -13.68 13.99 17.87
N PRO B 365 -14.25 14.24 19.07
CA PRO B 365 -13.69 13.57 20.25
C PRO B 365 -13.77 12.04 20.19
N TYR B 366 -14.85 11.50 19.65
CA TYR B 366 -14.98 10.05 19.46
C TYR B 366 -14.04 9.44 18.40
N VAL B 367 -13.66 10.23 17.40
CA VAL B 367 -12.72 9.76 16.39
C VAL B 367 -11.32 9.67 16.98
N ILE B 368 -10.90 10.72 17.68
CA ILE B 368 -9.63 10.72 18.38
C ILE B 368 -9.55 9.55 19.36
N ALA B 369 -10.63 9.30 20.10
CA ALA B 369 -10.69 8.19 21.04
C ALA B 369 -10.54 6.85 20.32
N ALA B 370 -11.17 6.75 19.15
CA ALA B 370 -11.10 5.52 18.35
C ALA B 370 -9.68 5.28 17.81
N MET B 371 -9.03 6.34 17.35
CA MET B 371 -7.66 6.23 16.89
C MET B 371 -6.73 5.74 17.99
N ILE B 372 -6.90 6.27 19.20
CA ILE B 372 -6.11 5.83 20.36
C ILE B 372 -6.44 4.38 20.73
N PHE B 373 -7.73 4.08 20.81
CA PHE B 373 -8.21 2.74 21.15
C PHE B 373 -7.57 1.70 20.25
N LEU B 374 -7.63 1.94 18.95
CA LEU B 374 -7.17 0.98 17.95
C LEU B 374 -5.66 0.80 17.90
N SER B 375 -4.92 1.78 18.41
CA SER B 375 -3.47 1.70 18.45
C SER B 375 -2.97 1.12 19.76
N LYS B 376 -3.86 0.98 20.75
CA LYS B 376 -3.45 0.52 22.07
C LYS B 376 -4.16 -0.74 22.59
N VAL B 377 -5.11 -1.28 21.82
CA VAL B 377 -5.81 -2.49 22.24
C VAL B 377 -5.68 -3.55 21.15
N LYS B 378 -5.09 -4.69 21.52
CA LYS B 378 -4.83 -5.76 20.57
C LYS B 378 -6.15 -6.36 20.04
N ASN B 379 -7.10 -6.60 20.94
CA ASN B 379 -8.40 -7.15 20.58
C ASN B 379 -9.56 -6.25 21.02
N PRO B 380 -9.85 -5.19 20.23
CA PRO B 380 -10.92 -4.26 20.58
C PRO B 380 -12.28 -4.92 20.82
N GLN B 381 -12.65 -5.86 19.95
CA GLN B 381 -13.92 -6.59 20.09
C GLN B 381 -14.10 -7.11 21.52
N LYS B 382 -13.10 -7.85 22.00
CA LYS B 382 -13.14 -8.41 23.35
C LYS B 382 -13.20 -7.31 24.41
N THR B 383 -12.33 -6.30 24.28
CA THR B 383 -12.25 -5.24 25.29
C THR B 383 -13.52 -4.37 25.27
N LEU B 384 -14.00 -4.01 24.10
CA LEU B 384 -15.31 -3.35 23.99
C LEU B 384 -16.38 -4.16 24.69
N THR B 385 -16.46 -5.45 24.40
CA THR B 385 -17.45 -6.35 25.00
C THR B 385 -17.28 -6.43 26.52
N ASP B 386 -16.03 -6.51 26.97
CA ASP B 386 -15.73 -6.52 28.40
C ASP B 386 -16.23 -5.27 29.11
N LEU B 387 -16.02 -4.11 28.49
CA LEU B 387 -16.45 -2.84 29.07
C LEU B 387 -17.96 -2.73 29.19
N ALA B 388 -18.68 -3.34 28.24
CA ALA B 388 -20.14 -3.29 28.22
C ALA B 388 -20.76 -4.23 29.24
N ASP B 389 -20.14 -5.39 29.43
CA ASP B 389 -20.58 -6.35 30.44
C ASP B 389 -20.33 -5.80 31.84
N LYS B 390 -19.12 -5.29 32.09
CA LYS B 390 -18.80 -4.65 33.37
C LYS B 390 -19.77 -3.49 33.60
N ALA B 391 -19.96 -2.67 32.56
CA ALA B 391 -20.93 -1.57 32.59
C ALA B 391 -20.71 -0.65 33.81
N THR B 392 -19.47 -0.24 34.02
CA THR B 392 -19.15 0.71 35.06
C THR B 392 -19.87 2.02 34.75
N PRO B 393 -20.63 2.55 35.72
CA PRO B 393 -21.37 3.78 35.49
C PRO B 393 -20.48 5.02 35.57
N ARG B 394 -20.47 5.84 34.52
CA ARG B 394 -19.70 7.09 34.55
C ARG B 394 -20.39 8.14 35.42
N GLU B 395 -21.72 8.16 35.39
CA GLU B 395 -22.52 8.97 36.32
C GLU B 395 -23.30 8.05 37.23
N VAL B 396 -23.62 8.53 38.44
CA VAL B 396 -24.62 7.87 39.26
C VAL B 396 -25.98 8.02 38.54
N LYS B 397 -26.58 6.89 38.17
CA LYS B 397 -27.83 6.88 37.39
C LYS B 397 -29.02 6.50 38.27
#